data_1YOX
#
_entry.id   1YOX
#
_cell.length_a   124.912
_cell.length_b   124.912
_cell.length_c   164.777
_cell.angle_alpha   90.00
_cell.angle_beta   90.00
_cell.angle_gamma   90.00
#
_symmetry.space_group_name_H-M   'P 43 21 2'
#
loop_
_entity.id
_entity.type
_entity.pdbx_description
1 polymer 'hypothetical protein PA3696'
2 water water
#
_entity_poly.entity_id   1
_entity_poly.type   'polypeptide(L)'
_entity_poly.pdbx_seq_one_letter_code
;GS(MSE)ASHELDYRILGES(MSE)QTVEIELDPGETVIAEAGA(MSE)NY(MSE)TGDIRFTAR(MSE)GDGSDGSLLG
KLWSAGKRKLGGESVF(MSE)THFTNEGQGKQHVAFAAPYPGSVVAVDLDDVGGRLFCQKDSFLCAAYGTRVGIAFTKRL
GAGFFGGEGFILQKLEGDGLVFVHAGGTLIRRQLNGETLRVDTGCLVAFTDGIDYDVQLAGGLKS(MSE)LFGGEGLLLT
TLKGSGTVWLQSLPFSRLAGRIYDATFRAREEVRTNNG
;
_entity_poly.pdbx_strand_id   A,B,C,D,E,F
#
# COMPACT_ATOMS: atom_id res chain seq x y z
N GLU A 7 19.00 19.04 -0.76
CA GLU A 7 18.57 20.20 0.09
C GLU A 7 17.60 19.77 1.21
N LEU A 8 16.31 19.70 0.92
CA LEU A 8 15.29 19.47 1.96
C LEU A 8 15.06 18.01 2.36
N ASP A 9 15.03 17.77 3.66
CA ASP A 9 14.53 16.51 4.19
C ASP A 9 13.02 16.63 4.45
N TYR A 10 12.33 15.48 4.43
CA TYR A 10 10.88 15.47 4.55
C TYR A 10 10.37 14.11 4.97
N ARG A 11 9.17 14.10 5.53
CA ARG A 11 8.45 12.89 5.81
C ARG A 11 7.00 13.03 5.32
N ILE A 12 6.55 12.04 4.57
CA ILE A 12 5.16 12.03 4.12
C ILE A 12 4.33 11.17 5.05
N LEU A 13 3.47 11.83 5.82
CA LEU A 13 2.66 11.19 6.85
C LEU A 13 1.30 10.77 6.29
N GLY A 14 0.75 9.70 6.82
CA GLY A 14 -0.56 9.23 6.41
C GLY A 14 -0.53 8.23 5.28
N GLU A 15 -1.58 7.41 5.24
CA GLU A 15 -1.69 6.34 4.28
C GLU A 15 -2.35 6.82 2.97
N SER A 16 -3.67 6.97 2.95
CA SER A 16 -4.35 7.39 1.72
C SER A 16 -4.53 8.90 1.67
N MSE A 17 -4.71 9.51 2.84
CA MSE A 17 -4.70 10.97 2.91
C MSE A 17 -3.42 11.44 3.56
O MSE A 17 -3.08 11.01 4.64
CB MSE A 17 -5.92 11.49 3.66
CG MSE A 17 -7.20 11.27 2.89
SE MSE A 17 -8.77 11.62 3.96
CE MSE A 17 -8.90 13.43 3.64
N GLN A 18 -2.72 12.32 2.86
CA GLN A 18 -1.34 12.65 3.23
C GLN A 18 -1.06 14.11 3.53
N THR A 19 -0.10 14.31 4.42
CA THR A 19 0.46 15.60 4.74
C THR A 19 1.98 15.44 4.63
N VAL A 20 2.65 16.47 4.15
CA VAL A 20 4.11 16.39 4.07
C VAL A 20 4.72 17.29 5.14
N GLU A 21 5.51 16.67 6.00
CA GLU A 21 6.30 17.37 7.01
C GLU A 21 7.68 17.69 6.47
N ILE A 22 7.91 18.98 6.17
CA ILE A 22 9.22 19.46 5.71
C ILE A 22 10.20 19.74 6.85
N GLU A 23 11.36 19.06 6.81
CA GLU A 23 12.46 19.31 7.75
C GLU A 23 13.32 20.48 7.29
N LEU A 24 13.25 21.59 8.01
CA LEU A 24 14.04 22.80 7.72
C LEU A 24 15.17 23.03 8.73
N ASP A 25 16.40 22.74 8.30
CA ASP A 25 17.62 23.07 9.04
C ASP A 25 17.83 24.59 9.01
N PRO A 26 18.58 25.12 10.01
CA PRO A 26 18.75 26.58 10.05
C PRO A 26 19.34 27.08 8.75
N GLY A 27 18.73 28.11 8.18
CA GLY A 27 19.11 28.61 6.87
C GLY A 27 18.07 28.31 5.80
N GLU A 28 17.53 27.09 5.82
CA GLU A 28 16.63 26.60 4.77
C GLU A 28 15.23 27.26 4.74
N THR A 29 14.75 27.52 3.52
CA THR A 29 13.41 28.03 3.27
C THR A 29 12.62 26.96 2.48
N VAL A 30 11.29 27.01 2.58
CA VAL A 30 10.37 26.20 1.75
C VAL A 30 9.22 27.10 1.29
N ILE A 31 8.82 26.95 0.04
CA ILE A 31 7.70 27.75 -0.51
C ILE A 31 6.39 26.94 -0.66
N ALA A 32 5.25 27.63 -0.51
CA ALA A 32 3.94 26.98 -0.53
C ALA A 32 2.86 28.01 -0.76
N GLU A 33 1.77 27.56 -1.37
CA GLU A 33 0.55 28.36 -1.48
C GLU A 33 -0.01 28.74 -0.10
N ALA A 34 -0.56 29.95 -0.01
CA ALA A 34 -1.18 30.46 1.23
C ALA A 34 -2.25 29.49 1.74
N GLY A 35 -2.19 29.20 3.04
CA GLY A 35 -3.18 28.35 3.67
C GLY A 35 -2.98 26.84 3.57
N ALA A 36 -1.85 26.38 3.03
CA ALA A 36 -1.54 24.95 2.99
C ALA A 36 -0.92 24.43 4.29
N MSE A 37 -0.37 25.34 5.10
CA MSE A 37 0.40 24.96 6.28
C MSE A 37 -0.49 24.45 7.43
O MSE A 37 -1.48 25.07 7.77
CB MSE A 37 1.30 26.12 6.72
CG MSE A 37 2.14 25.87 7.98
SE MSE A 37 1.10 26.29 9.61
CE MSE A 37 0.65 28.25 9.21
N ASN A 38 -0.11 23.33 8.02
CA ASN A 38 -0.80 22.75 9.15
C ASN A 38 -0.22 23.20 10.48
N TYR A 39 1.11 23.05 10.63
CA TYR A 39 1.80 23.41 11.87
C TYR A 39 3.29 23.79 11.67
N MSE A 40 3.77 24.66 12.57
CA MSE A 40 5.17 25.09 12.61
C MSE A 40 5.76 24.81 13.97
O MSE A 40 5.13 25.08 15.00
CB MSE A 40 5.28 26.60 12.37
CG MSE A 40 5.06 27.02 10.93
SE MSE A 40 4.73 28.92 10.82
CE MSE A 40 6.35 29.51 10.09
N THR A 41 6.99 24.26 13.97
CA THR A 41 7.72 24.04 15.22
C THR A 41 8.66 25.20 15.54
N GLY A 42 8.37 25.86 16.65
CA GLY A 42 9.28 26.79 17.35
C GLY A 42 9.88 27.97 16.61
N ASP A 43 11.01 27.72 15.95
CA ASP A 43 11.77 28.79 15.31
C ASP A 43 11.45 29.06 13.84
N ILE A 44 10.38 28.46 13.31
CA ILE A 44 10.02 28.75 11.91
C ILE A 44 9.27 30.09 11.83
N ARG A 45 9.64 30.89 10.84
CA ARG A 45 8.99 32.18 10.60
C ARG A 45 8.58 32.23 9.15
N PHE A 46 7.44 32.88 8.90
CA PHE A 46 6.86 32.93 7.57
C PHE A 46 6.65 34.37 7.08
N THR A 47 6.58 34.51 5.76
CA THR A 47 6.42 35.81 5.10
C THR A 47 5.72 35.66 3.76
N ALA A 48 4.83 36.61 3.45
CA ALA A 48 4.12 36.65 2.18
C ALA A 48 5.02 37.18 1.07
N ARG A 49 5.21 36.38 0.03
CA ARG A 49 5.99 36.75 -1.17
C ARG A 49 7.32 37.44 -0.85
N MSE A 77 2.28 32.84 -3.33
CA MSE A 77 3.48 32.21 -2.78
C MSE A 77 3.79 32.78 -1.39
O MSE A 77 3.71 33.99 -1.19
CB MSE A 77 4.65 32.42 -3.72
CG MSE A 77 5.52 31.20 -3.95
SE MSE A 77 4.52 29.60 -4.44
CE MSE A 77 3.45 30.33 -5.98
N THR A 78 4.08 31.90 -0.44
CA THR A 78 4.37 32.23 0.96
C THR A 78 5.53 31.36 1.39
N HIS A 79 6.55 32.00 1.96
CA HIS A 79 7.84 31.39 2.22
C HIS A 79 8.00 31.13 3.70
N PHE A 80 8.47 29.93 4.04
CA PHE A 80 8.67 29.51 5.41
C PHE A 80 10.15 29.23 5.61
N THR A 81 10.76 29.86 6.61
CA THR A 81 12.21 29.73 6.84
C THR A 81 12.55 29.45 8.30
N ASN A 82 13.55 28.59 8.52
CA ASN A 82 14.05 28.30 9.86
C ASN A 82 14.95 29.43 10.39
N GLU A 83 14.37 30.28 11.24
CA GLU A 83 15.05 31.48 11.76
C GLU A 83 15.91 31.25 12.98
N GLY A 84 15.87 30.02 13.51
CA GLY A 84 16.64 29.69 14.69
C GLY A 84 17.73 28.68 14.42
N GLN A 85 17.91 27.79 15.38
CA GLN A 85 19.05 26.90 15.44
C GLN A 85 18.60 25.56 16.01
N GLY A 86 17.88 24.82 15.18
CA GLY A 86 17.41 23.49 15.50
C GLY A 86 17.00 22.84 14.20
N LYS A 87 16.93 21.52 14.20
CA LYS A 87 16.35 20.79 13.06
C LYS A 87 14.84 20.91 13.19
N GLN A 88 14.24 21.71 12.30
CA GLN A 88 12.84 22.14 12.47
C GLN A 88 11.85 21.60 11.41
N HIS A 89 10.55 21.75 11.70
CA HIS A 89 9.46 21.15 10.91
C HIS A 89 8.33 22.13 10.55
N VAL A 90 7.89 22.08 9.29
CA VAL A 90 6.65 22.73 8.84
C VAL A 90 5.89 21.76 7.95
N ALA A 91 4.63 21.46 8.32
CA ALA A 91 3.80 20.53 7.54
C ALA A 91 2.80 21.21 6.63
N PHE A 92 2.60 20.63 5.45
CA PHE A 92 1.66 21.13 4.43
C PHE A 92 0.76 20.02 3.91
N ALA A 93 -0.47 20.38 3.58
CA ALA A 93 -1.44 19.47 3.03
C ALA A 93 -2.43 20.26 2.18
N ALA A 94 -2.94 19.60 1.14
CA ALA A 94 -3.92 20.18 0.24
C ALA A 94 -5.30 20.25 0.88
N PRO A 95 -6.17 21.10 0.34
CA PRO A 95 -7.47 21.34 0.92
C PRO A 95 -8.58 20.41 0.41
N TYR A 96 -8.19 19.21 -0.03
CA TYR A 96 -9.11 18.16 -0.44
C TYR A 96 -8.37 16.83 -0.28
N PRO A 97 -9.11 15.73 -0.06
CA PRO A 97 -8.48 14.45 0.28
C PRO A 97 -7.65 13.77 -0.80
N GLY A 98 -6.49 13.23 -0.40
CA GLY A 98 -5.62 12.53 -1.32
C GLY A 98 -4.18 12.43 -0.87
N SER A 99 -3.32 12.03 -1.79
CA SER A 99 -1.95 11.72 -1.48
C SER A 99 -0.94 12.74 -2.07
N VAL A 100 0.19 12.86 -1.38
CA VAL A 100 1.24 13.75 -1.80
C VAL A 100 2.36 12.95 -2.44
N VAL A 101 2.85 13.45 -3.58
CA VAL A 101 3.99 12.82 -4.27
C VAL A 101 5.21 13.74 -4.23
N ALA A 102 6.32 13.19 -3.73
CA ALA A 102 7.60 13.91 -3.71
C ALA A 102 8.35 13.66 -5.04
N VAL A 103 8.61 14.73 -5.76
CA VAL A 103 9.37 14.61 -7.01
C VAL A 103 10.68 15.42 -6.99
N ASP A 104 11.78 14.67 -6.87
CA ASP A 104 13.15 15.21 -7.01
C ASP A 104 13.33 15.73 -8.43
N LEU A 105 13.37 17.05 -8.60
CA LEU A 105 13.46 17.62 -9.95
C LEU A 105 14.58 17.02 -10.81
N ASP A 106 15.74 16.72 -10.21
CA ASP A 106 16.86 16.18 -10.99
C ASP A 106 16.52 14.83 -11.65
N ASP A 107 15.60 14.10 -11.03
CA ASP A 107 15.10 12.81 -11.55
C ASP A 107 14.31 12.92 -12.86
N VAL A 108 13.96 14.16 -13.24
CA VAL A 108 13.12 14.37 -14.43
C VAL A 108 13.59 15.53 -15.32
N GLY A 109 14.91 15.72 -15.39
CA GLY A 109 15.50 16.73 -16.27
C GLY A 109 15.28 18.14 -15.77
N GLY A 110 15.16 18.28 -14.45
CA GLY A 110 15.02 19.58 -13.81
C GLY A 110 13.77 20.33 -14.23
N ARG A 111 12.75 19.58 -14.69
CA ARG A 111 11.48 20.14 -15.17
C ARG A 111 10.29 19.19 -14.93
N LEU A 112 9.14 19.78 -14.59
CA LEU A 112 7.92 19.05 -14.30
C LEU A 112 6.75 19.97 -14.52
N PHE A 113 5.81 19.56 -15.35
CA PHE A 113 4.61 20.36 -15.59
C PHE A 113 3.54 19.91 -14.60
N CYS A 114 2.79 20.84 -14.03
CA CYS A 114 1.77 20.46 -13.06
C CYS A 114 0.59 21.43 -12.99
N GLN A 115 -0.60 20.89 -12.69
CA GLN A 115 -1.83 21.66 -12.60
C GLN A 115 -1.77 22.53 -11.35
N LYS A 116 -2.17 23.79 -11.48
CA LYS A 116 -2.02 24.76 -10.38
C LYS A 116 -2.63 24.32 -9.04
N ASP A 117 -3.81 23.71 -9.08
CA ASP A 117 -4.44 23.13 -7.89
C ASP A 117 -3.57 22.08 -7.18
N SER A 118 -2.79 21.32 -7.95
CA SER A 118 -2.06 20.17 -7.43
C SER A 118 -0.71 20.48 -6.78
N PHE A 119 -0.25 21.71 -6.97
CA PHE A 119 1.00 22.15 -6.37
C PHE A 119 0.85 22.35 -4.86
N LEU A 120 1.71 21.70 -4.06
CA LEU A 120 1.64 21.89 -2.62
C LEU A 120 2.78 22.76 -2.06
N CYS A 121 4.02 22.43 -2.43
CA CYS A 121 5.18 23.16 -1.94
C CYS A 121 6.49 22.77 -2.63
N ALA A 122 7.50 23.62 -2.46
CA ALA A 122 8.78 23.45 -3.14
C ALA A 122 10.00 23.90 -2.32
N ALA A 123 11.12 23.22 -2.57
CA ALA A 123 12.42 23.69 -2.11
C ALA A 123 12.68 25.06 -2.70
N TYR A 124 12.94 26.03 -1.82
CA TYR A 124 13.24 27.43 -2.18
C TYR A 124 14.31 27.52 -3.25
N GLY A 125 14.04 28.36 -4.25
CA GLY A 125 14.87 28.44 -5.44
C GLY A 125 14.38 27.44 -6.47
N THR A 126 13.07 27.48 -6.71
CA THR A 126 12.40 26.72 -7.74
C THR A 126 11.75 27.77 -8.64
N ARG A 127 11.87 27.64 -9.96
CA ARG A 127 11.15 28.59 -10.82
C ARG A 127 9.75 28.08 -11.13
N VAL A 128 8.76 28.95 -10.96
CA VAL A 128 7.36 28.60 -11.19
C VAL A 128 6.85 29.18 -12.51
N GLY A 129 5.75 29.92 -12.47
CA GLY A 129 5.16 30.52 -13.66
C GLY A 129 4.26 29.58 -14.44
N ILE A 130 3.61 30.12 -15.47
CA ILE A 130 2.61 29.39 -16.26
C ILE A 130 3.17 28.76 -17.54
N ALA A 131 2.35 27.95 -18.20
CA ALA A 131 2.71 27.26 -19.44
C ALA A 131 1.48 27.05 -20.32
N GLU A 144 -11.51 31.63 -13.39
CA GLU A 144 -10.22 30.97 -13.27
C GLU A 144 -10.20 29.57 -13.90
N GLY A 145 -9.89 29.53 -15.20
CA GLY A 145 -9.84 28.28 -15.95
C GLY A 145 -8.66 27.41 -15.58
N PHE A 146 -8.65 26.19 -16.10
CA PHE A 146 -7.55 25.25 -15.92
C PHE A 146 -6.21 25.92 -16.23
N ILE A 147 -5.27 25.78 -15.31
CA ILE A 147 -3.94 26.36 -15.44
C ILE A 147 -2.90 25.23 -15.36
N LEU A 148 -1.96 25.25 -16.31
CA LEU A 148 -0.82 24.36 -16.23
C LEU A 148 0.41 25.17 -15.89
N GLN A 149 1.16 24.70 -14.89
CA GLN A 149 2.34 25.40 -14.43
C GLN A 149 3.59 24.61 -14.72
N LYS A 150 4.69 25.32 -14.88
CA LYS A 150 5.98 24.71 -15.08
C LYS A 150 6.82 24.98 -13.85
N LEU A 151 7.51 23.95 -13.40
CA LEU A 151 8.35 24.04 -12.23
C LEU A 151 9.67 23.44 -12.65
N GLU A 152 10.76 24.16 -12.34
CA GLU A 152 12.10 23.74 -12.78
C GLU A 152 13.18 24.18 -11.80
N GLY A 153 14.21 23.35 -11.71
CA GLY A 153 15.27 23.56 -10.73
C GLY A 153 15.96 22.27 -10.40
N ASP A 154 16.59 22.25 -9.22
CA ASP A 154 17.41 21.14 -8.79
C ASP A 154 16.89 20.51 -7.50
N GLY A 155 15.84 21.11 -6.93
CA GLY A 155 15.39 20.71 -5.60
C GLY A 155 14.20 19.77 -5.59
N LEU A 156 13.58 19.66 -4.42
CA LEU A 156 12.36 18.85 -4.25
C LEU A 156 11.11 19.68 -4.56
N VAL A 157 10.18 19.04 -5.27
CA VAL A 157 8.85 19.60 -5.44
C VAL A 157 7.77 18.62 -4.96
N PHE A 158 6.65 19.19 -4.51
CA PHE A 158 5.60 18.41 -3.86
C PHE A 158 4.25 18.65 -4.47
N VAL A 159 3.68 17.57 -4.95
CA VAL A 159 2.39 17.67 -5.60
C VAL A 159 1.34 16.76 -4.96
N HIS A 160 0.09 17.25 -4.97
CA HIS A 160 -1.02 16.52 -4.42
C HIS A 160 -1.93 15.92 -5.50
N ALA A 161 -2.27 14.64 -5.36
CA ALA A 161 -3.24 13.97 -6.21
C ALA A 161 -4.52 13.63 -5.45
N GLY A 162 -5.60 14.35 -5.78
CA GLY A 162 -6.91 14.12 -5.16
C GLY A 162 -7.42 12.70 -5.41
N GLY A 163 -8.06 12.12 -4.41
CA GLY A 163 -8.52 10.73 -4.47
C GLY A 163 -7.43 9.69 -4.62
N THR A 164 -7.54 8.88 -5.67
CA THR A 164 -6.50 7.88 -6.03
C THR A 164 -5.36 8.57 -6.78
N LEU A 165 -4.12 8.28 -6.38
CA LEU A 165 -2.97 8.67 -7.21
C LEU A 165 -2.80 7.69 -8.34
N ILE A 166 -2.74 8.15 -9.59
CA ILE A 166 -2.46 7.22 -10.69
C ILE A 166 -1.22 7.59 -11.54
N ARG A 167 -0.19 6.76 -11.43
CA ARG A 167 1.08 6.94 -12.16
C ARG A 167 1.17 5.98 -13.35
N ARG A 168 1.51 6.54 -14.52
CA ARG A 168 1.64 5.75 -15.73
C ARG A 168 2.85 6.17 -16.55
N GLN A 169 3.58 5.16 -17.06
CA GLN A 169 4.68 5.35 -18.03
C GLN A 169 4.14 5.28 -19.45
N LEU A 170 4.45 6.30 -20.25
CA LEU A 170 4.02 6.38 -21.64
C LEU A 170 5.20 6.18 -22.61
N ASN A 171 5.01 5.31 -23.61
CA ASN A 171 6.05 4.96 -24.61
C ASN A 171 5.46 5.00 -26.03
N GLY A 172 5.33 6.19 -26.59
CA GLY A 172 4.69 6.37 -27.89
C GLY A 172 3.18 6.26 -27.79
N GLU A 173 2.71 5.40 -26.89
CA GLU A 173 1.28 5.26 -26.59
C GLU A 173 0.58 6.60 -26.40
N THR A 174 -0.71 6.65 -26.78
CA THR A 174 -1.57 7.81 -26.54
C THR A 174 -2.54 7.56 -25.39
N LEU A 175 -2.66 8.53 -24.48
CA LEU A 175 -3.56 8.42 -23.33
C LEU A 175 -4.50 9.62 -23.35
N ARG A 176 -5.81 9.38 -23.18
CA ARG A 176 -6.76 10.47 -23.07
C ARG A 176 -7.29 10.53 -21.66
N VAL A 177 -7.51 11.75 -21.19
CA VAL A 177 -7.53 12.07 -19.79
C VAL A 177 -8.52 13.20 -19.63
N ASP A 178 -9.51 12.99 -18.76
CA ASP A 178 -10.33 14.08 -18.28
C ASP A 178 -9.35 15.15 -17.79
N THR A 179 -9.48 16.36 -18.32
CA THR A 179 -8.47 17.40 -18.10
C THR A 179 -8.20 17.73 -16.61
N GLY A 180 -9.26 17.83 -15.79
CA GLY A 180 -9.10 18.07 -14.37
C GLY A 180 -8.31 17.00 -13.65
N CYS A 181 -8.27 15.80 -14.22
CA CYS A 181 -7.58 14.67 -13.59
C CYS A 181 -6.09 14.64 -13.82
N LEU A 182 -5.60 15.58 -14.61
CA LEU A 182 -4.19 15.69 -14.85
C LEU A 182 -3.52 16.39 -13.69
N VAL A 183 -2.54 15.73 -13.10
CA VAL A 183 -1.85 16.29 -11.94
C VAL A 183 -0.57 16.92 -12.46
N ALA A 184 0.35 16.09 -12.93
CA ALA A 184 1.62 16.53 -13.41
C ALA A 184 2.11 15.58 -14.50
N PHE A 185 3.06 16.07 -15.30
CA PHE A 185 3.75 15.25 -16.30
C PHE A 185 5.12 15.88 -16.69
N THR A 186 5.98 15.05 -17.27
CA THR A 186 7.33 15.42 -17.73
C THR A 186 7.38 16.02 -19.14
N ASP A 187 8.60 16.13 -19.66
CA ASP A 187 8.85 16.40 -21.07
C ASP A 187 8.91 15.08 -21.86
N GLY A 188 8.60 15.18 -23.15
CA GLY A 188 8.55 13.99 -24.01
C GLY A 188 7.11 13.56 -24.17
N ILE A 189 6.23 14.39 -23.62
CA ILE A 189 4.80 14.14 -23.65
C ILE A 189 4.14 15.30 -24.34
N ASP A 190 3.58 15.02 -25.52
CA ASP A 190 2.83 16.01 -26.27
C ASP A 190 1.42 16.03 -25.71
N TYR A 191 1.00 17.19 -25.22
CA TYR A 191 -0.34 17.31 -24.67
C TYR A 191 -1.22 18.20 -25.54
N ASP A 192 -2.52 17.93 -25.52
CA ASP A 192 -3.48 18.68 -26.33
C ASP A 192 -4.84 18.70 -25.64
N VAL A 193 -5.24 19.87 -25.17
CA VAL A 193 -6.56 20.05 -24.57
C VAL A 193 -7.59 20.29 -25.68
N GLN A 194 -8.77 19.65 -25.56
CA GLN A 194 -9.85 19.67 -26.57
C GLN A 194 -11.22 19.71 -25.89
N LEU A 195 -12.29 19.62 -26.68
CA LEU A 195 -13.66 19.77 -26.15
C LEU A 195 -14.72 18.96 -26.90
N ALA A 196 -15.79 18.59 -26.19
CA ALA A 196 -16.97 17.90 -26.74
C ALA A 196 -18.03 18.86 -27.34
N GLY A 197 -19.28 18.76 -26.88
CA GLY A 197 -20.35 19.69 -27.25
C GLY A 197 -20.79 19.62 -28.69
N LEU A 209 -16.08 17.34 -19.92
CA LEU A 209 -16.18 17.12 -21.36
C LEU A 209 -15.07 17.88 -22.11
N LEU A 210 -14.20 18.52 -21.34
CA LEU A 210 -12.89 18.97 -21.82
C LEU A 210 -11.92 17.81 -21.65
N LEU A 211 -11.29 17.39 -22.74
CA LEU A 211 -10.42 16.24 -22.78
C LEU A 211 -9.00 16.64 -23.08
N THR A 212 -8.05 16.01 -22.43
CA THR A 212 -6.65 16.25 -22.73
C THR A 212 -6.05 14.99 -23.29
N THR A 213 -5.46 15.12 -24.48
CA THR A 213 -4.81 14.02 -25.17
C THR A 213 -3.31 14.06 -24.93
N LEU A 214 -2.75 12.95 -24.48
CA LEU A 214 -1.33 12.86 -24.21
C LEU A 214 -0.69 11.77 -25.06
N LYS A 215 0.56 12.01 -25.47
CA LYS A 215 1.28 11.11 -26.39
C LYS A 215 2.80 11.32 -26.30
N GLY A 216 3.54 10.21 -26.25
CA GLY A 216 5.00 10.26 -26.20
C GLY A 216 5.59 9.23 -25.28
N SER A 217 6.86 9.44 -24.92
CA SER A 217 7.51 8.67 -23.86
C SER A 217 7.71 9.62 -22.69
N GLY A 218 7.49 9.10 -21.48
CA GLY A 218 7.55 9.93 -20.28
C GLY A 218 6.55 9.56 -19.20
N THR A 219 6.47 10.40 -18.16
CA THR A 219 5.65 10.09 -16.99
C THR A 219 4.47 11.05 -16.83
N VAL A 220 3.27 10.50 -16.67
CA VAL A 220 2.11 11.29 -16.23
C VAL A 220 1.58 10.84 -14.87
N TRP A 221 1.16 11.84 -14.09
CA TRP A 221 0.60 11.59 -12.79
C TRP A 221 -0.83 12.06 -12.87
N LEU A 222 -1.76 11.17 -12.56
CA LEU A 222 -3.19 11.48 -12.59
C LEU A 222 -3.79 11.38 -11.19
N GLN A 223 -4.98 11.92 -11.04
CA GLN A 223 -5.74 11.85 -9.80
C GLN A 223 -7.16 11.47 -10.17
N SER A 224 -7.78 10.61 -9.36
CA SER A 224 -9.18 10.19 -9.60
C SER A 224 -10.22 11.23 -9.15
N LEU A 225 -9.87 12.05 -8.16
CA LEU A 225 -10.79 13.04 -7.63
C LEU A 225 -10.22 14.47 -7.63
N PRO A 226 -10.26 15.16 -8.78
CA PRO A 226 -9.77 16.54 -8.76
C PRO A 226 -10.69 17.38 -7.89
N PHE A 227 -10.11 18.38 -7.25
CA PHE A 227 -10.83 19.36 -6.44
C PHE A 227 -12.02 19.97 -7.18
N SER A 228 -11.86 20.23 -8.47
CA SER A 228 -12.93 20.88 -9.27
C SER A 228 -14.17 20.02 -9.39
N ARG A 229 -13.97 18.72 -9.54
CA ARG A 229 -15.07 17.76 -9.58
C ARG A 229 -15.80 17.64 -8.23
N LEU A 230 -15.03 17.61 -7.15
CA LEU A 230 -15.55 17.52 -5.82
C LEU A 230 -16.41 18.76 -5.48
N ALA A 231 -15.83 19.93 -5.66
CA ALA A 231 -16.49 21.19 -5.32
C ALA A 231 -17.74 21.38 -6.17
N GLY A 232 -17.65 21.11 -7.47
CA GLY A 232 -18.78 21.31 -8.41
C GLY A 232 -19.93 20.40 -8.12
N ARG A 233 -19.62 19.13 -7.84
CA ARG A 233 -20.64 18.18 -7.47
C ARG A 233 -21.27 18.48 -6.10
N ILE A 234 -20.48 18.96 -5.15
CA ILE A 234 -21.02 19.41 -3.88
C ILE A 234 -22.06 20.52 -4.09
N TYR A 235 -21.69 21.51 -4.90
CA TYR A 235 -22.59 22.62 -5.20
C TYR A 235 -23.86 22.05 -5.81
N ASP A 236 -23.73 21.35 -6.92
CA ASP A 236 -24.89 20.73 -7.56
C ASP A 236 -25.85 20.10 -6.55
N ALA A 237 -25.33 19.26 -5.67
CA ALA A 237 -26.14 18.50 -4.74
C ALA A 237 -26.92 19.38 -3.75
N THR A 238 -26.58 20.66 -3.70
CA THR A 238 -27.17 21.54 -2.70
C THR A 238 -28.42 22.24 -3.26
N PHE A 239 -28.84 21.84 -4.46
CA PHE A 239 -29.87 22.54 -5.26
C PHE A 239 -31.19 22.81 -4.52
N ARG A 240 -31.68 21.79 -3.84
CA ARG A 240 -32.98 21.83 -3.18
C ARG A 240 -33.03 22.90 -2.10
N ALA A 241 -32.06 22.83 -1.20
CA ALA A 241 -31.94 23.74 -0.09
C ALA A 241 -31.86 25.19 -0.58
N ARG A 242 -31.13 25.39 -1.68
CA ARG A 242 -30.99 26.73 -2.27
C ARG A 242 -32.14 27.12 -3.20
N GLU A 243 -32.92 26.14 -3.65
CA GLU A 243 -34.15 26.38 -4.42
C GLU A 243 -35.28 26.83 -3.48
N GLU A 244 -35.21 26.38 -2.22
CA GLU A 244 -36.18 26.71 -1.18
C GLU A 244 -36.60 28.20 -1.08
N VAL A 245 -35.85 29.10 -1.71
CA VAL A 245 -36.20 30.53 -1.76
C VAL A 245 -37.24 30.89 -2.88
N ARG A 246 -36.88 30.63 -4.14
CA ARG A 246 -37.82 30.78 -5.25
C ARG A 246 -38.36 29.42 -5.68
N ALA B 4 -27.45 -11.28 -22.73
CA ALA B 4 -26.20 -11.39 -21.95
C ALA B 4 -25.41 -10.09 -22.07
N SER B 5 -24.81 -9.69 -20.95
CA SER B 5 -24.00 -8.48 -20.91
C SER B 5 -22.60 -8.83 -21.38
N HIS B 6 -21.84 -7.83 -21.81
CA HIS B 6 -20.42 -8.02 -22.09
C HIS B 6 -19.74 -8.47 -20.80
N GLU B 7 -18.73 -9.33 -20.90
CA GLU B 7 -17.96 -9.78 -19.74
C GLU B 7 -16.72 -8.92 -19.51
N LEU B 8 -16.82 -7.95 -18.61
CA LEU B 8 -15.71 -7.02 -18.37
C LEU B 8 -14.66 -7.63 -17.45
N ASP B 9 -13.42 -7.25 -17.65
CA ASP B 9 -12.42 -7.47 -16.66
C ASP B 9 -12.16 -6.12 -15.99
N TYR B 10 -11.53 -6.14 -14.83
CA TYR B 10 -11.21 -4.89 -14.17
C TYR B 10 -10.11 -5.07 -13.16
N ARG B 11 -9.52 -3.95 -12.77
CA ARG B 11 -8.79 -3.86 -11.52
C ARG B 11 -9.20 -2.61 -10.72
N ILE B 12 -9.28 -2.76 -9.42
CA ILE B 12 -9.58 -1.64 -8.53
C ILE B 12 -8.28 -1.07 -8.03
N LEU B 13 -8.06 0.20 -8.32
CA LEU B 13 -6.80 0.88 -8.00
C LEU B 13 -6.99 1.67 -6.74
N GLY B 14 -5.96 1.72 -5.90
CA GLY B 14 -5.91 2.56 -4.69
C GLY B 14 -6.24 1.76 -3.45
N GLU B 15 -6.13 2.41 -2.28
CA GLU B 15 -6.40 1.74 -1.00
C GLU B 15 -7.75 2.18 -0.42
N SER B 16 -7.80 3.36 0.20
CA SER B 16 -9.02 3.86 0.80
C SER B 16 -9.84 4.68 -0.19
N MSE B 17 -9.16 5.38 -1.09
CA MSE B 17 -9.80 6.12 -2.16
C MSE B 17 -9.56 5.40 -3.47
O MSE B 17 -8.45 5.41 -4.01
CB MSE B 17 -9.30 7.57 -2.21
CG MSE B 17 -10.04 8.48 -1.25
SE MSE B 17 -9.12 10.16 -0.84
CE MSE B 17 -7.37 9.41 -0.29
N GLN B 18 -10.61 4.78 -3.98
CA GLN B 18 -10.44 3.86 -5.10
C GLN B 18 -11.03 4.35 -6.41
N THR B 19 -10.55 3.70 -7.47
CA THR B 19 -10.98 3.90 -8.83
C THR B 19 -11.01 2.54 -9.50
N VAL B 20 -12.05 2.31 -10.29
CA VAL B 20 -12.06 1.14 -11.12
C VAL B 20 -11.54 1.44 -12.54
N GLU B 21 -10.52 0.69 -12.92
CA GLU B 21 -10.07 0.64 -14.31
C GLU B 21 -10.74 -0.57 -14.97
N ILE B 22 -11.57 -0.30 -15.97
CA ILE B 22 -12.27 -1.35 -16.70
C ILE B 22 -11.45 -1.76 -17.94
N GLU B 23 -11.39 -3.06 -18.21
CA GLU B 23 -10.66 -3.56 -19.36
C GLU B 23 -11.65 -4.07 -20.40
N LEU B 24 -11.53 -3.55 -21.62
CA LEU B 24 -12.47 -3.87 -22.70
C LEU B 24 -11.77 -4.54 -23.86
N ASP B 25 -12.30 -5.68 -24.28
CA ASP B 25 -11.79 -6.36 -25.45
C ASP B 25 -12.45 -5.72 -26.68
N PRO B 26 -11.90 -5.95 -27.87
CA PRO B 26 -12.52 -5.30 -29.04
C PRO B 26 -14.03 -5.41 -29.05
N GLY B 27 -14.66 -4.26 -29.22
CA GLY B 27 -16.12 -4.19 -29.34
C GLY B 27 -16.89 -4.29 -28.05
N GLU B 28 -16.18 -4.33 -26.92
CA GLU B 28 -16.85 -4.33 -25.61
C GLU B 28 -17.16 -2.92 -25.12
N THR B 29 -18.21 -2.85 -24.30
CA THR B 29 -18.80 -1.59 -23.86
C THR B 29 -19.10 -1.54 -22.35
N VAL B 30 -18.75 -0.42 -21.75
CA VAL B 30 -19.09 -0.17 -20.34
C VAL B 30 -19.86 1.15 -20.28
N ILE B 31 -20.83 1.18 -19.37
CA ILE B 31 -21.79 2.25 -19.16
C ILE B 31 -21.42 3.03 -17.89
N ALA B 32 -21.32 4.36 -17.99
CA ALA B 32 -21.15 5.20 -16.79
C ALA B 32 -21.72 6.58 -17.08
N GLU B 33 -22.08 7.30 -16.01
CA GLU B 33 -22.50 8.68 -16.15
C GLU B 33 -21.32 9.46 -16.67
N ALA B 34 -21.60 10.49 -17.46
CA ALA B 34 -20.58 11.43 -17.87
C ALA B 34 -20.00 12.08 -16.63
N GLY B 35 -18.74 12.45 -16.71
CA GLY B 35 -18.07 13.07 -15.56
C GLY B 35 -17.38 12.08 -14.66
N ALA B 36 -17.74 10.80 -14.76
CA ALA B 36 -17.10 9.73 -13.97
C ALA B 36 -15.73 9.35 -14.50
N MSE B 37 -15.55 9.35 -15.81
CA MSE B 37 -14.28 8.83 -16.32
C MSE B 37 -13.08 9.73 -16.02
O MSE B 37 -13.20 10.96 -16.07
CB MSE B 37 -14.35 8.38 -17.80
CG MSE B 37 -13.97 9.40 -18.83
SE MSE B 37 -12.06 9.68 -19.13
CE MSE B 37 -12.27 11.04 -20.46
N ASN B 38 -11.95 9.09 -15.70
CA ASN B 38 -10.68 9.74 -15.39
C ASN B 38 -9.69 9.72 -16.55
N TYR B 39 -9.42 8.53 -17.09
CA TYR B 39 -8.57 8.35 -18.26
C TYR B 39 -9.07 7.22 -19.17
N MSE B 40 -8.57 7.17 -20.39
CA MSE B 40 -8.87 6.09 -21.32
C MSE B 40 -7.73 5.86 -22.28
O MSE B 40 -7.08 6.81 -22.69
CB MSE B 40 -10.18 6.34 -22.06
CG MSE B 40 -10.20 7.59 -22.89
SE MSE B 40 -12.01 8.01 -23.46
CE MSE B 40 -11.60 9.86 -24.11
N THR B 41 -7.49 4.59 -22.64
CA THR B 41 -6.43 4.27 -23.60
C THR B 41 -6.84 4.62 -25.04
N GLY B 42 -5.88 4.51 -25.97
CA GLY B 42 -5.98 5.03 -27.35
C GLY B 42 -7.20 4.63 -28.18
N ASP B 43 -7.71 3.43 -27.97
CA ASP B 43 -8.79 2.91 -28.85
C ASP B 43 -10.22 2.98 -28.27
N ILE B 44 -10.32 3.44 -27.02
CA ILE B 44 -11.59 3.76 -26.40
C ILE B 44 -12.22 4.93 -27.17
N ARG B 45 -13.50 4.78 -27.47
CA ARG B 45 -14.35 5.84 -28.00
C ARG B 45 -15.61 5.88 -27.15
N PHE B 46 -16.35 6.98 -27.21
CA PHE B 46 -17.59 7.06 -26.47
C PHE B 46 -18.66 7.86 -27.16
N THR B 47 -19.91 7.48 -26.86
CA THR B 47 -21.10 8.25 -27.23
C THR B 47 -22.09 8.37 -26.06
N ALA B 48 -22.88 9.45 -26.10
CA ALA B 48 -23.96 9.70 -25.15
C ALA B 48 -25.07 8.63 -25.17
N ARG B 49 -26.06 8.77 -24.28
CA ARG B 49 -27.15 7.79 -24.09
C ARG B 49 -27.58 7.08 -25.39
N MSE B 77 -26.36 8.98 -19.73
CA MSE B 77 -25.43 7.87 -19.50
C MSE B 77 -24.61 7.53 -20.74
O MSE B 77 -25.18 7.19 -21.79
CB MSE B 77 -26.14 6.64 -18.96
CG MSE B 77 -25.18 5.52 -18.55
SE MSE B 77 -25.58 4.78 -16.76
CE MSE B 77 -27.45 4.21 -17.12
N THR B 78 -23.29 7.59 -20.63
CA THR B 78 -22.45 7.38 -21.78
C THR B 78 -21.74 6.01 -21.84
N HIS B 79 -21.69 5.48 -23.07
CA HIS B 79 -21.18 4.15 -23.39
C HIS B 79 -19.75 4.30 -23.88
N PHE B 80 -18.82 3.62 -23.23
CA PHE B 80 -17.42 3.68 -23.64
C PHE B 80 -17.04 2.34 -24.27
N THR B 81 -16.53 2.40 -25.49
CA THR B 81 -16.33 1.20 -26.29
C THR B 81 -14.91 1.14 -26.81
N ASN B 82 -14.34 -0.06 -26.78
CA ASN B 82 -13.08 -0.35 -27.46
C ASN B 82 -13.33 -0.49 -28.97
N GLU B 83 -12.95 0.54 -29.72
CA GLU B 83 -13.19 0.60 -31.14
C GLU B 83 -12.01 0.13 -31.95
N GLY B 84 -11.04 -0.50 -31.31
CA GLY B 84 -9.79 -0.87 -31.95
C GLY B 84 -9.33 -2.24 -31.49
N GLN B 85 -8.05 -2.34 -31.16
CA GLN B 85 -7.36 -3.61 -31.08
C GLN B 85 -6.87 -3.93 -29.66
N GLY B 86 -6.95 -5.22 -29.31
CA GLY B 86 -6.43 -5.73 -28.06
C GLY B 86 -7.18 -5.22 -26.84
N LYS B 87 -6.53 -5.35 -25.69
CA LYS B 87 -7.06 -4.92 -24.40
C LYS B 87 -6.96 -3.40 -24.33
N GLN B 88 -8.10 -2.75 -24.06
CA GLN B 88 -8.12 -1.29 -23.83
C GLN B 88 -8.74 -0.99 -22.46
N HIS B 89 -8.40 0.18 -21.90
CA HIS B 89 -8.78 0.52 -20.53
C HIS B 89 -9.41 1.89 -20.42
N VAL B 90 -10.51 2.00 -19.66
CA VAL B 90 -11.10 3.28 -19.23
C VAL B 90 -11.18 3.27 -17.71
N ALA B 91 -10.79 4.37 -17.06
CA ALA B 91 -10.95 4.44 -15.60
C ALA B 91 -12.12 5.35 -15.15
N PHE B 92 -12.81 4.92 -14.08
CA PHE B 92 -13.94 5.68 -13.50
C PHE B 92 -13.80 5.86 -11.98
N ALA B 93 -14.12 7.07 -11.50
CA ALA B 93 -14.29 7.31 -10.04
C ALA B 93 -15.51 8.15 -9.73
N ALA B 94 -16.04 7.99 -8.52
CA ALA B 94 -17.11 8.85 -7.97
C ALA B 94 -16.54 10.22 -7.53
N PRO B 95 -17.40 11.26 -7.47
CA PRO B 95 -16.96 12.61 -7.10
C PRO B 95 -16.83 12.87 -5.61
N TYR B 96 -16.63 11.82 -4.82
CA TYR B 96 -16.36 11.96 -3.40
C TYR B 96 -15.54 10.76 -2.95
N PRO B 97 -14.76 10.90 -1.86
CA PRO B 97 -13.83 9.83 -1.45
C PRO B 97 -14.49 8.57 -0.89
N GLY B 98 -14.05 7.43 -1.41
CA GLY B 98 -14.49 6.15 -0.93
C GLY B 98 -13.95 4.97 -1.71
N SER B 99 -14.52 3.80 -1.47
CA SER B 99 -14.04 2.62 -2.12
C SER B 99 -15.04 2.11 -3.14
N VAL B 100 -14.55 1.26 -4.04
CA VAL B 100 -15.31 0.67 -5.10
C VAL B 100 -15.69 -0.79 -4.74
N VAL B 101 -16.93 -1.19 -5.03
CA VAL B 101 -17.33 -2.56 -4.82
C VAL B 101 -17.78 -3.08 -6.17
N ALA B 102 -17.13 -4.13 -6.66
CA ALA B 102 -17.59 -4.87 -7.82
C ALA B 102 -18.66 -5.89 -7.39
N VAL B 103 -19.81 -5.85 -8.04
CA VAL B 103 -20.85 -6.81 -7.70
C VAL B 103 -21.18 -7.53 -8.99
N ASP B 104 -21.02 -8.84 -8.96
CA ASP B 104 -21.38 -9.68 -10.10
C ASP B 104 -22.85 -9.98 -9.93
N LEU B 105 -23.66 -9.54 -10.89
CA LEU B 105 -25.12 -9.64 -10.78
C LEU B 105 -25.62 -11.11 -10.59
N ASP B 106 -24.91 -12.07 -11.19
CA ASP B 106 -25.18 -13.50 -10.95
C ASP B 106 -25.08 -13.92 -9.48
N ASP B 107 -24.19 -13.32 -8.69
CA ASP B 107 -24.14 -13.65 -7.28
C ASP B 107 -25.36 -13.14 -6.52
N VAL B 108 -26.19 -12.32 -7.18
CA VAL B 108 -27.33 -11.68 -6.51
C VAL B 108 -28.65 -11.89 -7.29
N GLY B 109 -28.78 -13.07 -7.91
CA GLY B 109 -30.03 -13.42 -8.59
C GLY B 109 -30.38 -12.49 -9.72
N GLY B 110 -29.37 -11.83 -10.31
CA GLY B 110 -29.60 -10.90 -11.42
C GLY B 110 -30.19 -9.53 -11.03
N ARG B 111 -30.13 -9.17 -9.76
CA ARG B 111 -30.77 -7.91 -9.36
C ARG B 111 -30.12 -7.24 -8.15
N LEU B 112 -29.76 -5.97 -8.33
CA LEU B 112 -29.23 -5.19 -7.22
C LEU B 112 -29.97 -3.87 -7.08
N PHE B 113 -30.34 -3.51 -5.85
CA PHE B 113 -30.85 -2.15 -5.59
C PHE B 113 -29.72 -1.26 -5.08
N CYS B 114 -29.69 -0.03 -5.58
CA CYS B 114 -28.53 0.83 -5.55
C CYS B 114 -28.94 2.29 -5.39
N GLN B 115 -28.41 2.97 -4.38
CA GLN B 115 -28.62 4.43 -4.36
C GLN B 115 -28.02 5.06 -5.62
N LYS B 116 -28.76 5.99 -6.21
CA LYS B 116 -28.37 6.63 -7.46
C LYS B 116 -26.95 7.18 -7.46
N ASP B 117 -26.57 7.88 -6.40
CA ASP B 117 -25.24 8.48 -6.36
C ASP B 117 -24.13 7.45 -6.17
N SER B 118 -24.47 6.27 -5.61
CA SER B 118 -23.52 5.20 -5.45
C SER B 118 -23.14 4.49 -6.76
N PHE B 119 -24.00 4.54 -7.77
CA PHE B 119 -23.74 3.84 -9.03
C PHE B 119 -22.57 4.49 -9.73
N LEU B 120 -21.65 3.67 -10.21
CA LEU B 120 -20.43 4.16 -10.86
C LEU B 120 -20.43 3.74 -12.33
N CYS B 121 -20.41 2.43 -12.59
CA CYS B 121 -20.43 1.91 -13.97
C CYS B 121 -20.90 0.46 -13.98
N ALA B 122 -21.19 -0.05 -15.17
CA ALA B 122 -21.85 -1.34 -15.35
C ALA B 122 -21.56 -1.86 -16.74
N ALA B 123 -21.55 -3.18 -16.88
CA ALA B 123 -21.41 -3.82 -18.20
C ALA B 123 -22.59 -3.49 -19.08
N TYR B 124 -22.29 -3.21 -20.35
CA TYR B 124 -23.31 -3.08 -21.37
C TYR B 124 -24.18 -4.33 -21.40
N GLY B 125 -25.48 -4.14 -21.50
CA GLY B 125 -26.45 -5.21 -21.27
C GLY B 125 -27.11 -5.02 -19.92
N THR B 126 -26.47 -4.29 -19.00
CA THR B 126 -27.13 -3.98 -17.71
C THR B 126 -28.34 -3.05 -17.90
N ARG B 127 -29.47 -3.45 -17.36
CA ARG B 127 -30.71 -2.66 -17.44
C ARG B 127 -30.82 -1.81 -16.17
N VAL B 128 -30.94 -0.52 -16.34
CA VAL B 128 -30.99 0.41 -15.21
C VAL B 128 -32.39 0.97 -15.13
N GLY B 129 -33.08 0.71 -14.03
CA GLY B 129 -34.44 1.23 -13.86
C GLY B 129 -34.51 2.00 -12.56
N ILE B 130 -35.67 2.60 -12.27
CA ILE B 130 -35.86 3.27 -10.99
C ILE B 130 -36.75 2.37 -10.13
N ALA B 131 -36.24 1.98 -8.96
CA ALA B 131 -37.01 1.19 -8.02
C ALA B 131 -37.83 2.10 -7.10
N PHE B 132 -37.31 3.30 -6.81
CA PHE B 132 -37.85 4.06 -5.70
C PHE B 132 -37.43 5.51 -5.82
N THR B 133 -38.35 6.40 -5.47
CA THR B 133 -38.05 7.82 -5.33
C THR B 133 -38.93 8.31 -4.21
N LYS B 134 -38.34 9.09 -3.31
CA LYS B 134 -39.08 9.83 -2.30
C LYS B 134 -38.47 11.21 -2.03
N ARG B 135 -39.30 12.25 -2.14
CA ARG B 135 -38.96 13.62 -1.74
C ARG B 135 -39.66 13.81 -0.42
N LEU B 136 -38.90 14.04 0.65
CA LEU B 136 -39.46 14.40 1.94
C LEU B 136 -38.98 15.77 2.42
N GLY B 137 -38.30 16.49 1.52
CA GLY B 137 -37.92 17.88 1.76
C GLY B 137 -36.72 17.98 2.66
N PHE B 146 -34.10 11.53 -3.34
CA PHE B 146 -33.65 10.17 -2.91
C PHE B 146 -34.14 9.01 -3.76
N ILE B 147 -33.23 8.48 -4.56
CA ILE B 147 -33.56 7.59 -5.63
C ILE B 147 -32.79 6.28 -5.46
N LEU B 148 -33.53 5.16 -5.53
CA LEU B 148 -32.97 3.81 -5.70
C LEU B 148 -33.16 3.31 -7.11
N GLN B 149 -32.05 2.99 -7.76
CA GLN B 149 -32.10 2.33 -9.04
C GLN B 149 -32.06 0.83 -8.78
N LYS B 150 -32.61 0.12 -9.76
CA LYS B 150 -32.64 -1.32 -9.88
C LYS B 150 -31.63 -1.66 -10.99
N LEU B 151 -30.63 -2.49 -10.66
CA LEU B 151 -29.70 -3.00 -11.66
C LEU B 151 -29.99 -4.47 -12.00
N GLU B 152 -30.15 -4.77 -13.29
CA GLU B 152 -30.52 -6.13 -13.73
C GLU B 152 -29.77 -6.61 -14.95
N GLY B 153 -29.36 -7.88 -14.91
CA GLY B 153 -28.58 -8.50 -16.00
C GLY B 153 -27.71 -9.62 -15.48
N ASP B 154 -26.66 -9.97 -16.20
CA ASP B 154 -25.81 -11.08 -15.76
C ASP B 154 -24.33 -10.69 -15.70
N GLY B 155 -24.06 -9.39 -15.86
CA GLY B 155 -22.70 -8.86 -15.91
C GLY B 155 -22.22 -8.19 -14.63
N LEU B 156 -21.12 -7.46 -14.73
CA LEU B 156 -20.51 -6.81 -13.59
C LEU B 156 -21.04 -5.39 -13.44
N VAL B 157 -21.45 -5.05 -12.21
CA VAL B 157 -21.69 -3.66 -11.78
C VAL B 157 -20.74 -3.20 -10.66
N PHE B 158 -20.50 -1.89 -10.66
CA PHE B 158 -19.58 -1.25 -9.75
C PHE B 158 -20.29 -0.10 -9.07
N VAL B 159 -20.44 -0.24 -7.76
CA VAL B 159 -20.91 0.81 -6.88
C VAL B 159 -19.77 1.43 -6.07
N HIS B 160 -20.04 2.59 -5.49
CA HIS B 160 -19.04 3.31 -4.73
C HIS B 160 -19.57 3.57 -3.33
N ALA B 161 -18.71 3.40 -2.33
CA ALA B 161 -19.10 3.63 -0.95
C ALA B 161 -18.29 4.78 -0.38
N GLY B 162 -18.92 5.92 -0.09
CA GLY B 162 -18.23 7.03 0.59
C GLY B 162 -17.72 6.68 1.97
N GLY B 163 -16.45 7.01 2.27
CA GLY B 163 -15.86 6.68 3.58
C GLY B 163 -15.53 5.21 3.63
N THR B 164 -16.03 4.45 4.62
CA THR B 164 -15.87 3.00 4.57
C THR B 164 -17.11 2.28 4.08
N LEU B 165 -16.86 1.22 3.34
CA LEU B 165 -17.85 0.20 3.07
C LEU B 165 -18.17 -0.62 4.34
N ILE B 166 -19.44 -0.76 4.66
CA ILE B 166 -19.85 -1.69 5.71
C ILE B 166 -20.80 -2.68 5.03
N ARG B 167 -20.37 -3.92 4.86
CA ARG B 167 -21.27 -4.97 4.38
C ARG B 167 -21.88 -5.72 5.56
N ARG B 168 -23.21 -5.91 5.50
CA ARG B 168 -23.95 -6.61 6.54
C ARG B 168 -24.88 -7.63 5.94
N GLN B 169 -25.10 -8.72 6.69
CA GLN B 169 -26.04 -9.73 6.28
C GLN B 169 -27.20 -9.68 7.25
N LEU B 170 -28.41 -9.67 6.70
CA LEU B 170 -29.64 -9.71 7.49
C LEU B 170 -30.20 -11.12 7.43
N ASN B 171 -30.54 -11.66 8.59
CA ASN B 171 -31.17 -12.98 8.69
C ASN B 171 -32.42 -12.78 9.55
N GLY B 172 -33.53 -12.49 8.89
CA GLY B 172 -34.78 -12.14 9.53
C GLY B 172 -34.66 -11.08 10.62
N GLU B 173 -34.06 -9.96 10.28
CA GLU B 173 -33.83 -8.89 11.26
C GLU B 173 -34.07 -7.48 10.70
N THR B 174 -34.24 -6.53 11.61
CA THR B 174 -34.49 -5.16 11.23
C THR B 174 -33.23 -4.34 11.52
N LEU B 175 -32.84 -3.49 10.59
CA LEU B 175 -31.71 -2.58 10.76
C LEU B 175 -32.17 -1.14 10.44
N ARG B 176 -31.78 -0.19 11.27
CA ARG B 176 -32.13 1.21 10.99
C ARG B 176 -30.91 1.99 10.55
N VAL B 177 -31.00 2.64 9.39
CA VAL B 177 -29.85 3.33 8.84
C VAL B 177 -30.16 4.79 8.50
N ASP B 178 -29.17 5.66 8.67
CA ASP B 178 -29.17 6.96 8.05
C ASP B 178 -29.38 6.75 6.56
N THR B 179 -30.36 7.42 5.99
CA THR B 179 -30.81 7.10 4.62
C THR B 179 -29.70 7.18 3.55
N GLY B 180 -28.86 8.20 3.66
CA GLY B 180 -27.76 8.35 2.71
C GLY B 180 -26.68 7.27 2.85
N CYS B 181 -26.68 6.58 3.98
CA CYS B 181 -25.66 5.58 4.27
C CYS B 181 -25.93 4.30 3.54
N LEU B 182 -27.10 4.21 2.89
CA LEU B 182 -27.49 3.03 2.18
C LEU B 182 -26.94 3.04 0.75
N VAL B 183 -25.96 2.17 0.50
CA VAL B 183 -25.35 2.03 -0.83
C VAL B 183 -26.17 1.10 -1.76
N ALA B 184 -26.41 -0.13 -1.32
CA ALA B 184 -27.06 -1.14 -2.15
C ALA B 184 -27.60 -2.19 -1.25
N PHE B 185 -28.51 -3.00 -1.79
CA PHE B 185 -29.01 -4.23 -1.17
C PHE B 185 -29.61 -5.17 -2.22
N THR B 186 -29.90 -6.39 -1.78
CA THR B 186 -30.44 -7.45 -2.63
C THR B 186 -31.97 -7.54 -2.48
N ASP B 187 -32.61 -8.39 -3.29
CA ASP B 187 -33.97 -8.84 -3.02
C ASP B 187 -33.99 -9.46 -1.62
N GLY B 188 -35.20 -9.57 -1.06
CA GLY B 188 -35.42 -10.18 0.23
C GLY B 188 -35.53 -9.16 1.35
N ILE B 189 -35.19 -7.93 1.00
CA ILE B 189 -35.16 -6.86 1.99
C ILE B 189 -36.28 -5.84 1.72
N ASP B 190 -37.05 -5.57 2.78
CA ASP B 190 -38.09 -4.56 2.83
C ASP B 190 -37.50 -3.25 3.38
N TYR B 191 -37.91 -2.13 2.79
CA TYR B 191 -37.34 -0.82 3.16
C TYR B 191 -38.42 0.30 3.12
N ASP B 192 -38.24 1.33 3.95
CA ASP B 192 -38.90 2.62 3.75
C ASP B 192 -38.09 3.78 4.35
N VAL B 193 -38.26 4.96 3.70
CA VAL B 193 -37.63 6.23 4.09
C VAL B 193 -38.65 7.12 4.85
N GLN B 194 -38.29 7.56 6.05
CA GLN B 194 -39.14 8.40 6.87
C GLN B 194 -38.28 9.51 7.46
N LEU B 195 -38.89 10.68 7.72
CA LEU B 195 -38.28 11.72 8.58
C LEU B 195 -38.19 11.23 10.02
N ALA B 196 -36.99 11.22 10.59
CA ALA B 196 -36.80 10.58 11.88
C ALA B 196 -37.69 11.23 12.95
N GLY B 197 -37.72 12.56 12.98
CA GLY B 197 -38.66 13.27 13.84
C GLY B 197 -37.99 13.43 15.17
N GLY B 198 -38.19 12.44 16.04
CA GLY B 198 -37.40 12.32 17.26
C GLY B 198 -36.06 11.69 16.93
N GLY B 205 -29.00 22.67 10.36
CA GLY B 205 -30.27 22.48 9.69
C GLY B 205 -31.48 22.61 10.61
N GLY B 206 -31.46 21.86 11.73
CA GLY B 206 -32.46 21.99 12.81
C GLY B 206 -33.78 21.24 12.60
N GLU B 207 -33.66 20.13 11.88
CA GLU B 207 -34.78 19.34 11.35
C GLU B 207 -34.19 18.31 10.37
N GLY B 208 -35.07 17.53 9.73
CA GLY B 208 -34.71 16.64 8.63
C GLY B 208 -33.61 15.59 8.84
N LEU B 209 -33.84 14.64 9.75
CA LEU B 209 -33.06 13.38 9.73
C LEU B 209 -33.85 12.30 9.01
N LEU B 210 -33.38 11.85 7.87
CA LEU B 210 -34.04 10.75 7.19
C LEU B 210 -33.55 9.40 7.75
N LEU B 211 -34.49 8.54 8.12
CA LEU B 211 -34.16 7.19 8.61
C LEU B 211 -34.77 6.15 7.68
N THR B 212 -33.91 5.25 7.22
CA THR B 212 -34.37 4.08 6.49
C THR B 212 -34.45 2.84 7.38
N THR B 213 -35.63 2.22 7.42
CA THR B 213 -35.81 0.96 8.16
C THR B 213 -35.74 -0.19 7.15
N LEU B 214 -34.83 -1.12 7.39
CA LEU B 214 -34.61 -2.27 6.50
C LEU B 214 -34.97 -3.56 7.22
N LYS B 215 -35.69 -4.45 6.56
CA LYS B 215 -35.98 -5.75 7.18
C LYS B 215 -36.17 -6.90 6.22
N GLY B 216 -35.83 -8.09 6.67
CA GLY B 216 -35.91 -9.29 5.80
C GLY B 216 -34.58 -10.01 5.85
N SER B 217 -34.19 -10.56 4.71
CA SER B 217 -33.04 -11.45 4.60
C SER B 217 -32.34 -11.12 3.31
N GLY B 218 -31.06 -10.84 3.40
CA GLY B 218 -30.25 -10.56 2.22
C GLY B 218 -29.03 -9.78 2.63
N THR B 219 -28.32 -9.27 1.63
CA THR B 219 -27.13 -8.44 1.86
C THR B 219 -27.43 -6.95 1.78
N VAL B 220 -26.89 -6.19 2.74
CA VAL B 220 -26.94 -4.75 2.66
C VAL B 220 -25.54 -4.16 2.60
N TRP B 221 -25.38 -3.20 1.70
CA TRP B 221 -24.13 -2.47 1.67
C TRP B 221 -24.37 -1.02 2.13
N LEU B 222 -23.55 -0.62 3.10
CA LEU B 222 -23.60 0.68 3.73
C LEU B 222 -22.30 1.44 3.50
N GLN B 223 -22.35 2.77 3.54
CA GLN B 223 -21.15 3.59 3.46
C GLN B 223 -21.17 4.48 4.69
N SER B 224 -20.01 4.79 5.25
CA SER B 224 -19.92 5.66 6.44
C SER B 224 -19.96 7.16 6.15
N LEU B 225 -19.65 7.55 4.92
CA LEU B 225 -19.63 8.98 4.53
C LEU B 225 -20.37 9.22 3.22
N PRO B 226 -21.68 9.26 3.29
CA PRO B 226 -22.44 9.53 2.10
C PRO B 226 -22.15 10.93 1.57
N PHE B 227 -22.11 11.07 0.25
CA PHE B 227 -22.01 12.38 -0.43
C PHE B 227 -22.99 13.42 0.09
N SER B 228 -24.23 12.98 0.32
CA SER B 228 -25.29 13.84 0.76
C SER B 228 -25.03 14.36 2.18
N ARG B 229 -24.36 13.58 3.02
CA ARG B 229 -24.00 14.07 4.34
C ARG B 229 -22.88 15.12 4.25
N LEU B 230 -21.86 14.78 3.50
CA LEU B 230 -20.75 15.65 3.17
C LEU B 230 -21.24 16.97 2.53
N ALA B 231 -22.01 16.87 1.44
CA ALA B 231 -22.59 18.08 0.80
C ALA B 231 -23.45 18.89 1.79
N GLY B 232 -24.46 18.26 2.37
CA GLY B 232 -25.27 18.89 3.41
C GLY B 232 -24.58 19.54 4.59
N ARG B 233 -23.52 18.91 5.10
CA ARG B 233 -22.82 19.46 6.25
C ARG B 233 -21.99 20.70 5.85
N ILE B 234 -21.31 20.61 4.70
CA ILE B 234 -20.58 21.74 4.12
C ILE B 234 -21.51 22.93 3.87
N TYR B 235 -22.59 22.68 3.15
CA TYR B 235 -23.64 23.66 2.93
C TYR B 235 -24.10 24.35 4.23
N ASP B 236 -24.47 23.56 5.24
CA ASP B 236 -24.92 24.10 6.52
C ASP B 236 -23.85 24.99 7.19
N ALA B 237 -22.58 24.57 7.16
CA ALA B 237 -21.54 25.28 7.89
C ALA B 237 -21.06 26.57 7.21
N THR B 238 -21.24 26.65 5.89
CA THR B 238 -20.78 27.77 5.08
C THR B 238 -21.94 28.63 4.53
N PHE B 239 -22.73 28.09 3.60
CA PHE B 239 -23.86 28.83 3.02
C PHE B 239 -24.84 29.32 4.12
N GLU C 7 -16.29 0.34 30.32
CA GLU C 7 -17.78 0.48 30.12
C GLU C 7 -18.20 0.07 28.70
N LEU C 8 -17.60 0.69 27.68
CA LEU C 8 -17.99 0.43 26.28
C LEU C 8 -17.01 -0.40 25.48
N ASP C 9 -17.53 -1.43 24.83
CA ASP C 9 -16.80 -2.10 23.76
C ASP C 9 -17.12 -1.47 22.41
N TYR C 10 -16.17 -1.62 21.49
CA TYR C 10 -16.28 -0.99 20.20
C TYR C 10 -15.31 -1.67 19.27
N ARG C 11 -15.51 -1.44 17.98
CA ARG C 11 -14.49 -1.70 16.98
C ARG C 11 -14.52 -0.53 16.00
N ILE C 12 -13.34 -0.11 15.57
CA ILE C 12 -13.18 0.96 14.61
C ILE C 12 -13.04 0.29 13.24
N LEU C 13 -13.94 0.65 12.32
CA LEU C 13 -13.92 0.07 10.99
C LEU C 13 -13.27 0.96 9.94
N GLY C 14 -12.69 0.33 8.92
CA GLY C 14 -12.11 1.03 7.79
C GLY C 14 -10.64 1.33 8.01
N GLU C 15 -9.97 1.76 6.94
CA GLU C 15 -8.55 2.07 6.97
C GLU C 15 -8.22 3.55 7.17
N SER C 16 -8.24 4.36 6.12
CA SER C 16 -7.94 5.78 6.28
C SER C 16 -9.20 6.58 6.61
N MSE C 17 -10.35 6.10 6.18
CA MSE C 17 -11.60 6.73 6.55
C MSE C 17 -12.36 5.82 7.45
O MSE C 17 -12.61 4.65 7.13
CB MSE C 17 -12.41 7.13 5.33
CG MSE C 17 -11.87 8.35 4.63
SE MSE C 17 -12.62 8.60 2.82
CE MSE C 17 -11.87 7.09 1.86
N GLN C 18 -12.75 6.34 8.61
CA GLN C 18 -13.15 5.47 9.70
C GLN C 18 -14.52 5.77 10.32
N THR C 19 -15.13 4.70 10.81
CA THR C 19 -16.34 4.75 11.60
C THR C 19 -16.25 3.87 12.88
N VAL C 20 -16.94 4.28 13.94
CA VAL C 20 -16.88 3.58 15.18
C VAL C 20 -18.19 2.85 15.48
N GLU C 21 -18.09 1.54 15.58
CA GLU C 21 -19.24 0.73 15.90
C GLU C 21 -19.14 0.41 17.38
N ILE C 22 -20.07 0.96 18.13
CA ILE C 22 -20.16 0.83 19.57
C ILE C 22 -21.06 -0.35 19.89
N GLU C 23 -20.53 -1.26 20.71
CA GLU C 23 -21.28 -2.42 21.19
C GLU C 23 -21.88 -2.10 22.56
N LEU C 24 -23.20 -2.10 22.62
CA LEU C 24 -23.94 -1.77 23.85
C LEU C 24 -24.48 -3.04 24.52
N ASP C 25 -24.09 -3.31 25.78
CA ASP C 25 -24.79 -4.32 26.61
C ASP C 25 -26.14 -3.80 27.10
N PRO C 26 -27.07 -4.71 27.50
CA PRO C 26 -28.37 -4.24 27.93
C PRO C 26 -28.26 -3.16 29.01
N GLY C 27 -29.04 -2.09 28.88
CA GLY C 27 -29.00 -0.97 29.81
C GLY C 27 -27.90 0.06 29.55
N GLU C 28 -26.94 -0.23 28.64
CA GLU C 28 -25.78 0.66 28.39
C GLU C 28 -26.07 1.83 27.43
N THR C 29 -25.28 2.89 27.50
CA THR C 29 -25.58 4.10 26.71
C THR C 29 -24.37 4.77 26.13
N VAL C 30 -24.52 5.27 24.90
CA VAL C 30 -23.51 6.11 24.26
C VAL C 30 -24.15 7.46 23.84
N ILE C 31 -23.37 8.53 23.97
CA ILE C 31 -23.84 9.85 23.62
C ILE C 31 -23.11 10.36 22.37
N ALA C 32 -23.86 10.96 21.47
CA ALA C 32 -23.33 11.40 20.19
C ALA C 32 -24.23 12.51 19.65
N GLU C 33 -23.72 13.33 18.76
CA GLU C 33 -24.62 14.17 17.98
C GLU C 33 -25.31 13.23 16.95
N ALA C 34 -26.63 13.36 16.81
CA ALA C 34 -27.41 12.34 16.07
C ALA C 34 -27.18 12.27 14.56
N GLY C 35 -26.63 13.37 14.00
CA GLY C 35 -26.24 13.42 12.58
C GLY C 35 -25.01 12.57 12.25
N ALA C 36 -24.29 12.13 13.28
CA ALA C 36 -23.17 11.19 13.11
C ALA C 36 -23.54 9.68 13.01
N MSE C 37 -24.74 9.28 13.43
CA MSE C 37 -25.11 7.88 13.39
C MSE C 37 -25.28 7.34 11.95
O MSE C 37 -25.97 7.97 11.12
CB MSE C 37 -26.37 7.61 14.22
CG MSE C 37 -27.64 7.57 13.41
SE MSE C 37 -28.10 5.76 12.79
CE MSE C 37 -27.85 5.11 14.54
N ASN C 38 -24.68 6.20 11.69
CA ASN C 38 -24.82 5.50 10.39
C ASN C 38 -25.88 4.39 10.43
N TYR C 39 -25.88 3.61 11.51
CA TYR C 39 -26.81 2.50 11.66
C TYR C 39 -26.95 2.04 13.11
N MSE C 40 -28.07 1.40 13.37
CA MSE C 40 -28.34 0.83 14.68
C MSE C 40 -29.19 -0.42 14.55
O MSE C 40 -30.10 -0.48 13.72
CB MSE C 40 -28.96 1.87 15.64
CG MSE C 40 -30.16 2.59 15.13
SE MSE C 40 -30.74 4.14 16.23
CE MSE C 40 -32.07 4.76 14.85
N THR C 41 -28.85 -1.40 15.38
CA THR C 41 -29.63 -2.64 15.52
C THR C 41 -30.94 -2.43 16.28
N GLY C 42 -31.70 -3.51 16.41
CA GLY C 42 -33.15 -3.44 16.59
C GLY C 42 -33.66 -2.87 17.90
N ASP C 43 -32.98 -3.17 18.99
CA ASP C 43 -33.47 -2.72 20.30
C ASP C 43 -32.69 -1.51 20.83
N ILE C 44 -31.97 -0.82 19.94
CA ILE C 44 -31.42 0.52 20.25
C ILE C 44 -32.51 1.60 20.22
N ARG C 45 -32.65 2.32 21.32
CA ARG C 45 -33.50 3.51 21.41
C ARG C 45 -32.64 4.77 21.60
N PHE C 46 -33.14 5.88 21.06
CA PHE C 46 -32.42 7.16 21.07
C PHE C 46 -33.28 8.28 21.64
N THR C 47 -32.69 9.13 22.48
CA THR C 47 -33.42 10.24 23.05
C THR C 47 -32.60 11.54 23.03
N ALA C 48 -33.24 12.62 22.57
CA ALA C 48 -32.68 13.97 22.58
C ALA C 48 -32.38 14.40 24.01
N ARG C 49 -31.10 14.50 24.33
CA ARG C 49 -30.59 14.67 25.71
C ARG C 49 -31.25 13.73 26.73
N MSE C 77 -26.92 16.82 22.37
CA MSE C 77 -26.43 15.46 22.49
C MSE C 77 -27.56 14.47 22.40
O MSE C 77 -28.60 14.65 23.04
CB MSE C 77 -25.74 15.27 23.85
CG MSE C 77 -24.29 15.75 23.92
SE MSE C 77 -23.04 14.60 22.93
CE MSE C 77 -23.14 15.52 21.16
N THR C 78 -27.39 13.41 21.62
CA THR C 78 -28.38 12.33 21.65
C THR C 78 -27.85 11.11 22.38
N HIS C 79 -28.72 10.49 23.17
CA HIS C 79 -28.39 9.29 23.94
C HIS C 79 -28.90 8.06 23.19
N PHE C 80 -28.01 7.10 22.96
CA PHE C 80 -28.41 5.81 22.37
C PHE C 80 -28.32 4.72 23.45
N THR C 81 -29.44 4.13 23.79
CA THR C 81 -29.47 3.07 24.81
C THR C 81 -29.93 1.74 24.25
N ASN C 82 -29.27 0.68 24.76
CA ASN C 82 -29.71 -0.71 24.55
C ASN C 82 -30.90 -1.08 25.48
N GLU C 83 -32.08 -1.18 24.88
CA GLU C 83 -33.32 -1.50 25.59
C GLU C 83 -33.72 -2.97 25.43
N GLY C 84 -32.80 -3.77 24.91
CA GLY C 84 -33.05 -5.20 24.72
C GLY C 84 -32.42 -6.04 25.81
N GLN C 85 -32.11 -7.29 25.45
CA GLN C 85 -31.76 -8.35 26.39
C GLN C 85 -30.40 -8.96 26.10
N GLY C 86 -29.87 -8.68 24.90
CA GLY C 86 -28.55 -9.05 24.48
C GLY C 86 -27.80 -7.86 23.90
N LYS C 87 -26.59 -8.14 23.39
CA LYS C 87 -25.73 -7.14 22.77
C LYS C 87 -26.38 -6.43 21.59
N GLN C 88 -26.29 -5.10 21.58
CA GLN C 88 -26.73 -4.32 20.44
C GLN C 88 -25.63 -3.39 19.94
N HIS C 89 -25.82 -2.82 18.77
CA HIS C 89 -24.78 -2.04 18.12
C HIS C 89 -25.34 -0.76 17.51
N VAL C 90 -24.51 0.30 17.56
CA VAL C 90 -24.75 1.56 16.86
C VAL C 90 -23.42 2.07 16.33
N ALA C 91 -23.36 2.47 15.07
CA ALA C 91 -22.14 3.03 14.48
C ALA C 91 -22.22 4.58 14.23
N PHE C 92 -21.06 5.24 14.33
CA PHE C 92 -20.95 6.69 14.20
C PHE C 92 -19.77 7.02 13.31
N ALA C 93 -19.91 8.08 12.49
CA ALA C 93 -18.81 8.65 11.66
C ALA C 93 -19.00 10.17 11.52
N ALA C 94 -17.87 10.88 11.44
CA ALA C 94 -17.90 12.33 11.20
C ALA C 94 -18.32 12.62 9.73
N PRO C 95 -18.81 13.85 9.45
CA PRO C 95 -19.23 14.16 8.08
C PRO C 95 -18.16 14.67 7.15
N TYR C 96 -16.90 14.29 7.41
CA TYR C 96 -15.78 14.61 6.50
C TYR C 96 -14.73 13.51 6.68
N PRO C 97 -13.88 13.28 5.66
CA PRO C 97 -12.99 12.13 5.60
C PRO C 97 -11.87 12.18 6.65
N GLY C 98 -11.58 11.03 7.25
CA GLY C 98 -10.48 10.95 8.18
C GLY C 98 -10.69 9.83 9.18
N SER C 99 -9.82 9.79 10.17
CA SER C 99 -9.83 8.63 11.05
C SER C 99 -10.34 8.88 12.46
N VAL C 100 -10.64 7.81 13.14
CA VAL C 100 -11.27 7.87 14.43
C VAL C 100 -10.18 7.45 15.44
N VAL C 101 -10.15 8.07 16.60
CA VAL C 101 -9.29 7.57 17.68
C VAL C 101 -10.10 7.48 18.96
N ALA C 102 -9.93 6.36 19.66
CA ALA C 102 -10.53 6.18 20.97
C ALA C 102 -9.54 6.79 21.94
N VAL C 103 -10.04 7.55 22.88
CA VAL C 103 -9.16 8.08 23.89
C VAL C 103 -9.78 7.71 25.23
N ASP C 104 -9.06 6.92 26.02
CA ASP C 104 -9.50 6.60 27.38
C ASP C 104 -9.22 7.82 28.22
N LEU C 105 -10.26 8.33 28.85
CA LEU C 105 -10.08 9.48 29.69
C LEU C 105 -9.11 9.17 30.84
N ASP C 106 -9.21 7.95 31.42
CA ASP C 106 -8.26 7.54 32.47
C ASP C 106 -6.83 7.76 32.03
N ASP C 107 -6.51 7.43 30.79
CA ASP C 107 -5.15 7.57 30.25
C ASP C 107 -4.67 9.00 30.13
N VAL C 108 -5.53 9.97 30.42
CA VAL C 108 -5.22 11.40 30.25
C VAL C 108 -5.81 12.27 31.37
N GLY C 109 -5.90 11.71 32.58
CA GLY C 109 -6.24 12.53 33.74
C GLY C 109 -7.72 12.79 33.93
N GLY C 110 -8.54 12.24 33.05
CA GLY C 110 -10.00 12.40 33.15
C GLY C 110 -10.50 13.70 32.58
N ARG C 111 -9.75 14.26 31.62
CA ARG C 111 -10.18 15.47 30.90
C ARG C 111 -9.55 15.60 29.51
N LEU C 112 -10.37 15.83 28.49
CA LEU C 112 -9.82 16.13 27.20
C LEU C 112 -10.49 17.35 26.62
N PHE C 113 -9.68 18.15 25.91
CA PHE C 113 -10.17 19.29 25.17
C PHE C 113 -10.29 18.93 23.69
N CYS C 114 -11.40 19.34 23.10
CA CYS C 114 -11.75 18.80 21.80
C CYS C 114 -12.39 19.85 20.94
N GLN C 115 -11.89 20.06 19.72
CA GLN C 115 -12.64 20.90 18.76
C GLN C 115 -14.00 20.28 18.51
N LYS C 116 -15.05 21.08 18.52
CA LYS C 116 -16.39 20.52 18.49
C LYS C 116 -16.67 19.63 17.26
N ASP C 117 -16.14 20.02 16.12
CA ASP C 117 -16.32 19.29 14.86
C ASP C 117 -15.66 17.93 14.98
N SER C 118 -14.66 17.85 15.85
CA SER C 118 -13.92 16.65 16.06
C SER C 118 -14.56 15.66 17.04
N PHE C 119 -15.40 16.13 17.96
CA PHE C 119 -16.13 15.20 18.82
C PHE C 119 -16.99 14.21 18.00
N LEU C 120 -16.80 12.92 18.22
CA LEU C 120 -17.62 11.89 17.56
C LEU C 120 -18.66 11.22 18.48
N CYS C 121 -18.20 10.54 19.53
CA CYS C 121 -19.12 10.05 20.57
C CYS C 121 -18.39 9.72 21.85
N ALA C 122 -19.17 9.49 22.90
CA ALA C 122 -18.62 9.16 24.20
C ALA C 122 -19.57 8.27 25.00
N ALA C 123 -18.97 7.54 25.94
CA ALA C 123 -19.69 6.74 26.92
C ALA C 123 -20.60 7.62 27.75
N TYR C 124 -21.81 7.13 28.01
CA TYR C 124 -22.67 7.76 28.99
C TYR C 124 -21.88 7.99 30.28
N GLY C 125 -22.08 9.15 30.92
CA GLY C 125 -21.29 9.55 32.08
C GLY C 125 -20.17 10.54 31.75
N THR C 126 -19.85 10.65 30.46
CA THR C 126 -18.93 11.68 30.01
C THR C 126 -19.60 13.01 30.26
N ARG C 127 -18.83 13.91 30.85
CA ARG C 127 -19.27 15.26 31.06
C ARG C 127 -18.72 16.09 29.89
N VAL C 128 -19.64 16.64 29.10
CA VAL C 128 -19.32 17.43 27.91
C VAL C 128 -19.66 18.90 28.13
N GLY C 129 -18.63 19.73 28.19
CA GLY C 129 -18.87 21.17 28.28
C GLY C 129 -18.09 21.96 27.25
N ILE C 130 -18.29 23.28 27.26
CA ILE C 130 -17.55 24.21 26.43
C ILE C 130 -16.38 24.82 27.22
N ALA C 131 -15.19 24.69 26.66
CA ALA C 131 -14.00 25.28 27.24
C ALA C 131 -13.62 26.63 26.59
N PHE C 132 -14.28 26.95 25.48
CA PHE C 132 -13.86 28.07 24.61
C PHE C 132 -14.82 28.22 23.44
N THR C 133 -15.35 29.42 23.22
CA THR C 133 -16.12 29.75 22.01
C THR C 133 -15.71 31.13 21.50
N LYS C 134 -15.43 31.24 20.21
CA LYS C 134 -14.90 32.46 19.66
C LYS C 134 -15.14 32.51 18.15
N ARG C 135 -15.93 33.50 17.72
CA ARG C 135 -16.22 33.68 16.30
C ARG C 135 -14.97 33.73 15.41
N LEU C 136 -14.30 34.87 15.24
CA LEU C 136 -13.12 34.94 14.34
C LEU C 136 -13.37 35.25 12.85
N GLY C 137 -13.39 36.55 12.52
CA GLY C 137 -13.37 37.02 11.14
C GLY C 137 -14.59 36.72 10.28
N ALA C 138 -14.39 36.76 8.96
CA ALA C 138 -15.50 36.55 8.01
C ALA C 138 -15.37 35.29 7.14
N GLY C 139 -14.39 34.44 7.47
CA GLY C 139 -14.26 33.12 6.83
C GLY C 139 -15.09 32.05 7.54
N PHE C 140 -14.62 30.80 7.48
CA PHE C 140 -15.34 29.66 8.06
C PHE C 140 -15.63 29.87 9.53
N PHE C 141 -14.64 30.37 10.27
CA PHE C 141 -14.86 30.59 11.70
C PHE C 141 -15.67 31.87 12.01
N GLY C 142 -16.00 32.62 10.97
CA GLY C 142 -17.03 33.66 11.08
C GLY C 142 -18.45 33.10 11.24
N GLY C 143 -18.64 31.83 10.86
CA GLY C 143 -19.98 31.26 10.91
C GLY C 143 -20.39 30.91 12.33
N GLU C 144 -20.39 29.61 12.59
CA GLU C 144 -20.61 29.02 13.89
C GLU C 144 -19.61 29.59 14.92
N GLY C 145 -18.33 29.67 14.52
CA GLY C 145 -17.25 30.08 15.43
C GLY C 145 -16.34 28.89 15.70
N PHE C 146 -15.21 29.16 16.33
CA PHE C 146 -14.29 28.13 16.77
C PHE C 146 -14.66 27.73 18.20
N ILE C 147 -14.99 26.45 18.38
CA ILE C 147 -15.50 25.93 19.65
C ILE C 147 -14.63 24.77 20.17
N LEU C 148 -14.08 24.95 21.37
CA LEU C 148 -13.41 23.89 22.12
C LEU C 148 -14.30 23.37 23.21
N GLN C 149 -14.56 22.07 23.19
CA GLN C 149 -15.31 21.40 24.22
C GLN C 149 -14.39 20.81 25.30
N LYS C 150 -14.92 20.62 26.51
CA LYS C 150 -14.22 19.81 27.53
C LYS C 150 -14.99 18.53 27.80
N LEU C 151 -14.26 17.44 27.71
CA LEU C 151 -14.79 16.11 27.95
C LEU C 151 -14.11 15.63 29.24
N GLU C 152 -14.91 15.38 30.27
CA GLU C 152 -14.35 14.85 31.52
C GLU C 152 -15.07 13.60 32.07
N GLY C 153 -14.35 12.75 32.77
CA GLY C 153 -14.96 11.54 33.31
C GLY C 153 -13.95 10.44 33.24
N ASP C 154 -14.40 9.20 33.42
CA ASP C 154 -13.48 8.08 33.50
C ASP C 154 -13.70 7.04 32.40
N GLY C 155 -14.44 7.44 31.36
CA GLY C 155 -14.81 6.52 30.30
C GLY C 155 -14.14 6.77 28.97
N LEU C 156 -14.72 6.13 27.95
CA LEU C 156 -14.24 6.25 26.57
C LEU C 156 -14.89 7.36 25.78
N VAL C 157 -14.02 8.01 25.02
CA VAL C 157 -14.34 9.17 24.20
C VAL C 157 -13.78 8.80 22.82
N PHE C 158 -14.44 9.22 21.75
CA PHE C 158 -13.97 8.97 20.41
C PHE C 158 -13.97 10.32 19.69
N VAL C 159 -12.83 10.65 19.10
CA VAL C 159 -12.68 11.92 18.44
C VAL C 159 -12.26 11.62 17.00
N HIS C 160 -12.52 12.54 16.09
CA HIS C 160 -12.22 12.31 14.69
C HIS C 160 -11.19 13.34 14.14
N ALA C 161 -10.21 12.87 13.39
CA ALA C 161 -9.23 13.74 12.71
C ALA C 161 -9.38 13.73 11.19
N GLY C 162 -9.70 14.89 10.60
CA GLY C 162 -9.81 15.01 9.13
C GLY C 162 -8.48 14.79 8.44
N GLY C 163 -8.48 14.01 7.36
CA GLY C 163 -7.23 13.67 6.68
C GLY C 163 -6.46 12.71 7.58
N THR C 164 -5.19 12.99 7.87
CA THR C 164 -4.46 12.20 8.89
C THR C 164 -4.34 12.86 10.23
N LEU C 165 -4.24 12.02 11.25
CA LEU C 165 -4.01 12.43 12.63
C LEU C 165 -2.51 12.58 12.86
N ILE C 166 -2.14 13.74 13.38
CA ILE C 166 -0.78 13.99 13.80
C ILE C 166 -0.80 14.12 15.31
N ARG C 167 -0.25 13.12 16.00
CA ARG C 167 -0.18 13.14 17.44
C ARG C 167 1.20 13.65 17.87
N ARG C 168 1.21 14.58 18.83
CA ARG C 168 2.44 15.21 19.27
C ARG C 168 2.47 15.39 20.78
N GLN C 169 3.59 15.01 21.38
CA GLN C 169 3.88 15.27 22.79
C GLN C 169 4.68 16.56 22.85
N LEU C 170 4.32 17.48 23.74
CA LEU C 170 4.99 18.77 23.78
C LEU C 170 6.32 18.89 24.55
N ASN C 171 6.34 18.52 25.83
CA ASN C 171 7.58 18.66 26.67
C ASN C 171 8.15 20.09 26.71
N GLY C 172 7.42 21.02 27.32
CA GLY C 172 7.84 22.43 27.35
C GLY C 172 8.40 22.89 26.00
N GLU C 173 7.56 22.90 24.99
CA GLU C 173 7.91 23.38 23.65
C GLU C 173 6.79 24.31 23.16
N THR C 174 7.05 25.04 22.08
CA THR C 174 5.98 25.83 21.45
C THR C 174 5.59 25.30 20.07
N LEU C 175 4.30 25.02 19.91
CA LEU C 175 3.77 24.59 18.63
C LEU C 175 2.79 25.64 18.12
N ARG C 176 3.03 26.11 16.90
CA ARG C 176 2.10 26.97 16.20
C ARG C 176 1.34 26.14 15.15
N VAL C 177 0.03 26.24 15.19
CA VAL C 177 -0.86 25.40 14.39
C VAL C 177 -1.89 26.27 13.68
N ASP C 178 -2.04 26.07 12.37
CA ASP C 178 -3.25 26.57 11.67
C ASP C 178 -4.49 26.21 12.47
N THR C 179 -5.33 27.20 12.76
CA THR C 179 -6.31 27.09 13.83
C THR C 179 -7.27 25.90 13.72
N GLY C 180 -7.84 25.64 12.56
CA GLY C 180 -8.75 24.51 12.41
C GLY C 180 -8.11 23.14 12.55
N CYS C 181 -6.79 23.07 12.37
CA CYS C 181 -6.01 21.84 12.48
C CYS C 181 -5.90 21.24 13.87
N LEU C 182 -6.34 21.95 14.90
CA LEU C 182 -6.35 21.39 16.25
C LEU C 182 -7.53 20.46 16.53
N VAL C 183 -7.26 19.18 16.67
CA VAL C 183 -8.27 18.21 17.06
C VAL C 183 -8.57 18.24 18.56
N ALA C 184 -7.56 17.84 19.35
CA ALA C 184 -7.68 17.61 20.79
C ALA C 184 -6.35 17.89 21.50
N PHE C 185 -6.44 18.19 22.80
CA PHE C 185 -5.25 18.29 23.68
C PHE C 185 -5.58 18.07 25.15
N THR C 186 -4.57 17.59 25.88
CA THR C 186 -4.65 17.27 27.30
C THR C 186 -4.44 18.53 28.10
N ASP C 187 -4.52 18.43 29.43
CA ASP C 187 -4.15 19.53 30.34
C ASP C 187 -2.65 19.79 30.24
N GLY C 188 -2.22 20.96 30.73
CA GLY C 188 -0.79 21.32 30.75
C GLY C 188 -0.32 22.00 29.47
N ILE C 189 -1.29 22.26 28.60
CA ILE C 189 -1.04 22.91 27.32
C ILE C 189 -1.85 24.20 27.31
N ASP C 190 -1.17 25.30 27.05
CA ASP C 190 -1.79 26.62 26.92
C ASP C 190 -2.00 26.93 25.43
N TYR C 191 -3.11 27.60 25.13
CA TYR C 191 -3.48 27.90 23.76
C TYR C 191 -4.02 29.32 23.66
N ASP C 192 -3.73 29.98 22.56
CA ASP C 192 -4.51 31.16 22.20
C ASP C 192 -4.41 31.42 20.71
N VAL C 193 -5.45 32.04 20.20
CA VAL C 193 -5.70 32.22 18.78
C VAL C 193 -5.40 33.66 18.42
N GLN C 194 -4.58 33.85 17.38
CA GLN C 194 -4.30 35.16 16.86
C GLN C 194 -4.57 35.20 15.36
N LEU C 195 -4.98 36.36 14.87
CA LEU C 195 -4.91 36.62 13.44
C LEU C 195 -3.45 36.97 13.19
N ALA C 196 -2.78 36.16 12.37
CA ALA C 196 -1.36 36.35 12.03
C ALA C 196 -1.13 37.55 11.11
N GLY C 197 -0.38 37.35 10.03
CA GLY C 197 -0.03 38.46 9.12
C GLY C 197 -1.21 38.99 8.34
N GLY C 208 -6.93 35.00 5.07
CA GLY C 208 -6.30 35.42 6.33
C GLY C 208 -5.81 34.26 7.18
N LEU C 209 -4.74 34.48 7.95
CA LEU C 209 -4.14 33.39 8.71
C LEU C 209 -4.50 33.39 10.19
N LEU C 210 -5.32 32.43 10.59
CA LEU C 210 -5.66 32.22 11.99
C LEU C 210 -4.71 31.21 12.63
N LEU C 211 -3.92 31.68 13.59
CA LEU C 211 -2.92 30.83 14.23
C LEU C 211 -3.28 30.51 15.66
N THR C 212 -2.97 29.28 16.08
CA THR C 212 -3.14 28.86 17.47
C THR C 212 -1.75 28.46 18.00
N THR C 213 -1.33 29.16 19.06
CA THR C 213 -0.06 28.88 19.70
C THR C 213 -0.29 28.02 20.92
N LEU C 214 0.36 26.86 20.91
CA LEU C 214 0.33 25.90 22.01
C LEU C 214 1.65 25.92 22.77
N LYS C 215 1.58 25.92 24.10
CA LYS C 215 2.81 25.91 24.89
C LYS C 215 2.64 25.14 26.21
N GLY C 216 3.57 24.22 26.47
CA GLY C 216 3.54 23.47 27.73
C GLY C 216 3.79 21.97 27.65
N SER C 217 2.94 21.23 28.36
CA SER C 217 3.15 19.82 28.67
C SER C 217 2.88 18.78 27.58
N GLY C 218 1.63 18.35 27.53
CA GLY C 218 1.26 17.00 27.18
C GLY C 218 1.16 16.58 25.74
N THR C 219 -0.03 16.09 25.38
CA THR C 219 -0.27 15.52 24.07
C THR C 219 -1.16 16.46 23.28
N VAL C 220 -0.82 16.63 22.02
CA VAL C 220 -1.65 17.33 21.09
C VAL C 220 -2.07 16.38 20.00
N TRP C 221 -3.34 16.50 19.59
CA TRP C 221 -3.86 15.79 18.43
C TRP C 221 -4.22 16.78 17.31
N LEU C 222 -3.57 16.61 16.16
CA LEU C 222 -3.75 17.52 15.04
C LEU C 222 -4.28 16.78 13.81
N GLN C 223 -4.90 17.51 12.89
CA GLN C 223 -5.51 16.90 11.71
C GLN C 223 -5.02 17.64 10.50
N SER C 224 -4.67 16.90 9.44
CA SER C 224 -4.18 17.49 8.21
C SER C 224 -5.26 18.17 7.36
N LEU C 225 -6.51 17.71 7.44
CA LEU C 225 -7.57 18.25 6.58
C LEU C 225 -8.81 18.52 7.41
N PRO C 226 -8.78 19.64 8.17
CA PRO C 226 -9.86 19.98 9.03
C PRO C 226 -11.06 20.38 8.18
N PHE C 227 -12.25 20.11 8.71
CA PHE C 227 -13.49 20.38 8.02
C PHE C 227 -13.57 21.85 7.58
N SER C 228 -12.98 22.72 8.39
CA SER C 228 -13.07 24.16 8.19
C SER C 228 -12.30 24.54 6.96
N ARG C 229 -11.18 23.85 6.74
CA ARG C 229 -10.45 24.05 5.53
C ARG C 229 -11.15 23.40 4.34
N LEU C 230 -11.66 22.19 4.55
CA LEU C 230 -12.38 21.50 3.48
C LEU C 230 -13.59 22.35 3.08
N ALA C 231 -14.48 22.64 4.04
CA ALA C 231 -15.72 23.37 3.73
C ALA C 231 -15.42 24.75 3.18
N GLY C 232 -14.49 25.46 3.84
CA GLY C 232 -14.09 26.82 3.43
C GLY C 232 -13.63 26.93 1.99
N ARG C 233 -12.64 26.10 1.60
CA ARG C 233 -12.14 26.16 0.21
C ARG C 233 -13.21 25.76 -0.81
N ILE C 234 -14.09 24.84 -0.44
CA ILE C 234 -15.17 24.42 -1.33
C ILE C 234 -16.21 25.51 -1.48
N TYR C 235 -16.50 26.19 -0.38
CA TYR C 235 -17.49 27.26 -0.38
C TYR C 235 -17.07 28.34 -1.35
N ASP C 236 -15.88 28.86 -1.16
CA ASP C 236 -15.55 30.02 -1.92
C ASP C 236 -15.01 29.66 -3.32
N ALA C 237 -14.86 28.36 -3.61
CA ALA C 237 -14.50 27.93 -4.97
C ALA C 237 -15.71 27.78 -5.87
N THR C 238 -16.87 27.55 -5.29
CA THR C 238 -18.11 27.47 -6.09
C THR C 238 -18.75 28.84 -6.12
N PHE C 239 -17.89 29.85 -6.18
CA PHE C 239 -18.24 31.28 -6.08
C PHE C 239 -17.38 32.09 -7.05
N ALA D 4 -21.61 -28.53 -3.37
CA ALA D 4 -21.19 -27.11 -3.59
C ALA D 4 -20.34 -26.57 -2.43
N SER D 5 -19.41 -25.67 -2.74
CA SER D 5 -18.45 -25.18 -1.76
C SER D 5 -19.01 -24.08 -0.86
N HIS D 6 -18.48 -23.97 0.35
CA HIS D 6 -18.73 -22.78 1.15
C HIS D 6 -18.39 -21.55 0.34
N GLU D 7 -19.16 -20.47 0.53
CA GLU D 7 -18.97 -19.23 -0.21
C GLU D 7 -18.17 -18.26 0.66
N LEU D 8 -16.89 -18.09 0.35
CA LEU D 8 -15.97 -17.38 1.26
C LEU D 8 -15.82 -15.95 0.90
N ASP D 9 -15.45 -15.15 1.89
CA ASP D 9 -15.01 -13.81 1.62
C ASP D 9 -13.58 -13.71 2.13
N TYR D 10 -12.89 -12.66 1.66
CA TYR D 10 -11.48 -12.49 1.97
C TYR D 10 -11.00 -11.07 1.73
N ARG D 11 -9.89 -10.70 2.37
CA ARG D 11 -9.13 -9.54 1.94
C ARG D 11 -7.67 -9.95 1.71
N ILE D 12 -7.03 -9.38 0.71
CA ILE D 12 -5.60 -9.57 0.52
C ILE D 12 -4.83 -8.40 1.07
N LEU D 13 -3.97 -8.68 2.03
CA LEU D 13 -3.16 -7.71 2.71
C LEU D 13 -1.75 -7.59 2.09
N GLY D 14 -1.23 -6.35 2.08
CA GLY D 14 0.18 -6.11 1.73
C GLY D 14 0.31 -5.67 0.29
N GLU D 15 1.42 -5.05 -0.05
CA GLU D 15 1.57 -4.60 -1.41
C GLU D 15 2.24 -5.67 -2.25
N SER D 16 3.50 -5.94 -1.98
CA SER D 16 4.19 -6.84 -2.87
C SER D 16 4.28 -8.21 -2.24
N MSE D 17 4.40 -8.19 -0.91
CA MSE D 17 4.43 -9.42 -0.15
C MSE D 17 3.10 -9.54 0.60
O MSE D 17 2.85 -8.90 1.63
CB MSE D 17 5.62 -9.43 0.78
CG MSE D 17 6.92 -9.25 0.04
SE MSE D 17 8.44 -9.28 1.23
CE MSE D 17 8.56 -11.10 1.59
N GLN D 18 2.25 -10.39 0.02
CA GLN D 18 0.85 -10.48 0.41
C GLN D 18 0.52 -11.67 1.29
N THR D 19 -0.55 -11.50 2.07
CA THR D 19 -1.11 -12.52 2.92
C THR D 19 -2.61 -12.49 2.63
N VAL D 20 -3.26 -13.66 2.63
CA VAL D 20 -4.69 -13.62 2.50
C VAL D 20 -5.44 -13.75 3.84
N GLU D 21 -6.35 -12.83 4.10
CA GLU D 21 -7.21 -12.98 5.29
C GLU D 21 -8.58 -13.49 4.90
N ILE D 22 -8.90 -14.70 5.38
CA ILE D 22 -10.17 -15.33 5.06
C ILE D 22 -11.24 -14.95 6.11
N GLU D 23 -12.40 -14.53 5.62
CA GLU D 23 -13.54 -14.22 6.48
C GLU D 23 -14.50 -15.39 6.44
N LEU D 24 -14.66 -16.05 7.58
CA LEU D 24 -15.63 -17.16 7.73
C LEU D 24 -16.89 -16.78 8.55
N ASP D 25 -18.04 -17.18 8.03
CA ASP D 25 -19.30 -17.05 8.76
C ASP D 25 -19.54 -18.33 9.55
N PRO D 26 -20.47 -18.29 10.53
CA PRO D 26 -20.66 -19.47 11.39
C PRO D 26 -20.72 -20.78 10.61
N GLY D 27 -19.91 -21.74 11.02
CA GLY D 27 -19.83 -22.99 10.28
C GLY D 27 -19.24 -22.97 8.89
N GLU D 28 -18.61 -21.88 8.48
CA GLU D 28 -17.90 -21.86 7.22
C GLU D 28 -16.46 -22.38 7.43
N THR D 29 -15.95 -23.13 6.45
CA THR D 29 -14.61 -23.68 6.55
C THR D 29 -13.67 -23.40 5.35
N VAL D 30 -12.41 -23.21 5.67
CA VAL D 30 -11.36 -22.99 4.70
C VAL D 30 -10.28 -24.06 4.90
N ILE D 31 -9.80 -24.66 3.81
CA ILE D 31 -8.69 -25.62 3.94
C ILE D 31 -7.32 -25.01 3.54
N ALA D 32 -6.29 -25.43 4.25
CA ALA D 32 -4.93 -24.96 3.99
C ALA D 32 -3.93 -26.00 4.51
N GLU D 33 -2.71 -25.99 3.96
CA GLU D 33 -1.65 -26.84 4.50
C GLU D 33 -1.27 -26.28 5.85
N ALA D 34 -1.02 -27.20 6.77
CA ALA D 34 -0.68 -26.97 8.17
C ALA D 34 -0.08 -25.61 8.62
N GLY D 35 1.15 -25.34 8.17
CA GLY D 35 1.90 -24.19 8.67
C GLY D 35 1.78 -22.87 7.92
N ALA D 36 0.80 -22.77 7.02
CA ALA D 36 0.48 -21.52 6.33
C ALA D 36 -0.21 -20.46 7.20
N MSE D 37 -0.88 -20.90 8.27
CA MSE D 37 -1.69 -19.99 9.07
C MSE D 37 -0.83 -18.99 9.82
O MSE D 37 0.13 -19.38 10.47
CB MSE D 37 -2.67 -20.75 10.00
CG MSE D 37 -2.24 -20.96 11.45
SE MSE D 37 -2.64 -19.38 12.59
CE MSE D 37 -4.28 -19.16 11.74
N ASN D 38 -1.18 -17.71 9.74
CA ASN D 38 -0.49 -16.66 10.48
C ASN D 38 -1.19 -16.30 11.80
N TYR D 39 -2.47 -15.97 11.70
CA TYR D 39 -3.30 -15.67 12.87
C TYR D 39 -4.75 -16.05 12.64
N MSE D 40 -5.50 -16.21 13.75
CA MSE D 40 -6.94 -16.47 13.70
C MSE D 40 -7.69 -15.82 14.87
O MSE D 40 -7.16 -15.71 15.99
CB MSE D 40 -7.22 -17.98 13.67
CG MSE D 40 -6.72 -18.74 14.88
SE MSE D 40 -6.52 -20.63 14.49
CE MSE D 40 -6.49 -21.17 16.35
N THR D 41 -8.92 -15.39 14.59
CA THR D 41 -9.75 -14.77 15.62
C THR D 41 -10.29 -15.78 16.65
N GLY D 42 -11.09 -15.27 17.61
CA GLY D 42 -11.44 -16.06 18.82
C GLY D 42 -12.16 -17.38 18.57
N ASP D 43 -13.10 -17.37 17.62
CA ASP D 43 -13.96 -18.54 17.43
C ASP D 43 -13.59 -19.47 16.27
N ILE D 44 -12.43 -19.24 15.64
CA ILE D 44 -11.86 -20.17 14.69
C ILE D 44 -11.31 -21.40 15.42
N ARG D 45 -11.66 -22.58 14.96
CA ARG D 45 -10.99 -23.81 15.43
C ARG D 45 -10.45 -24.61 14.24
N PHE D 46 -9.56 -25.55 14.50
CA PHE D 46 -9.03 -26.38 13.41
C PHE D 46 -8.81 -27.86 13.78
N THR D 47 -8.82 -28.69 12.74
CA THR D 47 -8.48 -30.11 12.83
C THR D 47 -7.65 -30.50 11.62
N ALA D 48 -6.57 -31.24 11.85
CA ALA D 48 -5.76 -31.82 10.76
C ALA D 48 -6.48 -32.96 10.02
N ARG D 49 -7.55 -33.46 10.65
CA ARG D 49 -8.37 -34.56 10.10
C ARG D 49 -7.58 -35.83 9.70
N MSE D 77 -4.39 -32.03 4.89
CA MSE D 77 -4.67 -30.62 5.10
C MSE D 77 -5.51 -30.28 6.33
O MSE D 77 -6.42 -31.03 6.71
CB MSE D 77 -5.34 -30.01 3.88
CG MSE D 77 -4.37 -29.24 3.04
SE MSE D 77 -5.19 -28.75 1.38
CE MSE D 77 -6.24 -30.41 1.05
N THR D 78 -5.23 -29.13 6.93
CA THR D 78 -6.03 -28.66 8.03
C THR D 78 -7.24 -27.79 7.61
N HIS D 79 -8.35 -28.07 8.28
CA HIS D 79 -9.61 -27.39 8.07
C HIS D 79 -9.79 -26.37 9.18
N PHE D 80 -10.01 -25.11 8.82
CA PHE D 80 -10.19 -24.03 9.77
C PHE D 80 -11.65 -23.60 9.69
N THR D 81 -12.38 -23.71 10.81
CA THR D 81 -13.81 -23.35 10.77
C THR D 81 -14.25 -22.39 11.85
N ASN D 82 -15.14 -21.49 11.46
CA ASN D 82 -15.80 -20.61 12.42
C ASN D 82 -16.73 -21.48 13.25
N GLU D 83 -16.33 -21.76 14.50
CA GLU D 83 -17.16 -22.57 15.41
C GLU D 83 -17.98 -21.72 16.39
N GLY D 84 -18.02 -20.42 16.15
CA GLY D 84 -18.74 -19.50 17.04
C GLY D 84 -19.65 -18.59 16.26
N GLN D 85 -19.74 -17.34 16.69
CA GLN D 85 -20.57 -16.40 15.96
C GLN D 85 -19.86 -15.23 15.30
N GLY D 86 -20.58 -14.64 14.38
CA GLY D 86 -20.13 -13.47 13.67
C GLY D 86 -19.24 -13.80 12.48
N LYS D 87 -18.70 -12.75 11.89
CA LYS D 87 -17.57 -12.82 10.99
C LYS D 87 -16.32 -13.14 11.80
N GLN D 88 -15.63 -14.19 11.44
CA GLN D 88 -14.36 -14.54 12.08
C GLN D 88 -13.33 -14.66 10.95
N HIS D 89 -12.08 -14.37 11.28
CA HIS D 89 -11.01 -14.27 10.26
C HIS D 89 -9.82 -15.21 10.56
N VAL D 90 -9.35 -15.88 9.49
CA VAL D 90 -8.07 -16.63 9.47
C VAL D 90 -7.18 -16.13 8.33
N ALA D 91 -5.92 -15.89 8.65
CA ALA D 91 -4.94 -15.40 7.67
C ALA D 91 -3.88 -16.43 7.27
N PHE D 92 -3.55 -16.44 5.98
CA PHE D 92 -2.59 -17.41 5.39
C PHE D 92 -1.55 -16.75 4.52
N ALA D 93 -0.32 -17.22 4.64
CA ALA D 93 0.78 -16.85 3.73
C ALA D 93 1.68 -18.07 3.41
N ALA D 94 2.27 -18.01 2.22
CA ALA D 94 3.24 -18.98 1.74
C ALA D 94 4.62 -18.75 2.39
N PRO D 95 5.46 -19.80 2.41
CA PRO D 95 6.79 -19.71 3.05
C PRO D 95 7.85 -18.98 2.21
N TYR D 96 7.44 -18.23 1.20
CA TYR D 96 8.36 -17.37 0.49
C TYR D 96 7.67 -16.11 0.03
N PRO D 97 8.46 -15.07 -0.30
CA PRO D 97 8.04 -13.73 -0.73
C PRO D 97 7.20 -13.68 -2.01
N GLY D 98 6.04 -13.04 -1.96
CA GLY D 98 5.26 -12.89 -3.17
C GLY D 98 3.82 -12.46 -3.00
N SER D 99 3.08 -12.54 -4.09
CA SER D 99 1.70 -12.05 -4.09
C SER D 99 0.65 -13.18 -4.13
N VAL D 100 -0.55 -12.86 -3.64
CA VAL D 100 -1.61 -13.83 -3.59
C VAL D 100 -2.71 -13.50 -4.56
N VAL D 101 -3.17 -14.53 -5.31
CA VAL D 101 -4.19 -14.43 -6.33
C VAL D 101 -5.40 -15.29 -5.87
N ALA D 102 -6.59 -14.67 -5.82
CA ALA D 102 -7.85 -15.37 -5.69
C ALA D 102 -8.36 -15.90 -7.01
N VAL D 103 -8.64 -17.19 -7.08
CA VAL D 103 -9.26 -17.63 -8.30
C VAL D 103 -10.58 -18.30 -7.98
N ASP D 104 -11.63 -17.75 -8.61
CA ASP D 104 -12.99 -18.26 -8.51
C ASP D 104 -13.07 -19.37 -9.51
N LEU D 105 -13.25 -20.59 -9.03
CA LEU D 105 -13.26 -21.79 -9.87
C LEU D 105 -14.34 -21.79 -10.98
N ASP D 106 -15.48 -21.13 -10.69
CA ASP D 106 -16.61 -20.95 -11.62
C ASP D 106 -16.12 -20.17 -12.83
N ASP D 107 -15.21 -19.23 -12.60
CA ASP D 107 -14.61 -18.44 -13.69
C ASP D 107 -13.72 -19.22 -14.64
N VAL D 108 -13.44 -20.49 -14.33
CA VAL D 108 -12.50 -21.30 -15.10
C VAL D 108 -13.04 -22.71 -15.36
N GLY D 109 -14.37 -22.85 -15.51
CA GLY D 109 -14.98 -24.13 -15.82
C GLY D 109 -14.90 -25.14 -14.70
N GLY D 110 -14.77 -24.68 -13.46
CA GLY D 110 -14.74 -25.57 -12.31
C GLY D 110 -13.42 -26.31 -12.10
N ARG D 111 -12.36 -25.89 -12.81
CA ARG D 111 -11.07 -26.57 -12.69
C ARG D 111 -9.85 -25.70 -12.95
N LEU D 112 -8.90 -25.79 -12.02
CA LEU D 112 -7.62 -25.11 -12.16
C LEU D 112 -6.46 -26.09 -11.91
N PHE D 113 -5.46 -26.01 -12.76
CA PHE D 113 -4.20 -26.74 -12.52
C PHE D 113 -3.21 -25.84 -11.75
N CYS D 114 -2.56 -26.38 -10.74
CA CYS D 114 -1.81 -25.58 -9.82
C CYS D 114 -0.53 -26.32 -9.45
N GLN D 115 0.61 -25.63 -9.50
CA GLN D 115 1.83 -26.19 -8.95
C GLN D 115 1.65 -26.33 -7.43
N LYS D 116 1.99 -27.51 -6.91
CA LYS D 116 1.69 -27.86 -5.53
C LYS D 116 2.14 -26.87 -4.45
N ASP D 117 3.32 -26.27 -4.62
CA ASP D 117 3.84 -25.31 -3.64
C ASP D 117 3.19 -23.93 -3.77
N SER D 118 2.60 -23.65 -4.93
CA SER D 118 1.85 -22.42 -5.16
C SER D 118 0.45 -22.42 -4.51
N PHE D 119 -0.13 -23.61 -4.26
CA PHE D 119 -1.39 -23.75 -3.48
C PHE D 119 -1.30 -23.15 -2.08
N LEU D 120 -2.17 -22.18 -1.79
CA LEU D 120 -2.23 -21.55 -0.45
C LEU D 120 -3.43 -22.03 0.41
N CYS D 121 -4.65 -21.86 -0.09
CA CYS D 121 -5.83 -22.31 0.66
C CYS D 121 -7.01 -22.31 -0.27
N ALA D 122 -8.11 -22.95 0.15
CA ALA D 122 -9.29 -23.10 -0.66
C ALA D 122 -10.59 -23.21 0.20
N ALA D 123 -11.71 -22.74 -0.37
CA ALA D 123 -13.06 -23.04 0.18
C ALA D 123 -13.21 -24.52 0.47
N TYR D 124 -13.67 -24.86 1.69
CA TYR D 124 -14.17 -26.23 1.95
C TYR D 124 -15.15 -26.65 0.84
N GLY D 125 -14.97 -27.89 0.33
CA GLY D 125 -15.70 -28.38 -0.83
C GLY D 125 -14.88 -28.43 -2.12
N THR D 126 -13.79 -27.67 -2.17
CA THR D 126 -12.78 -27.84 -3.23
C THR D 126 -12.23 -29.28 -3.20
N ARG D 127 -12.24 -29.94 -4.35
CA ARG D 127 -11.55 -31.23 -4.49
C ARG D 127 -10.13 -31.02 -4.96
N VAL D 128 -9.18 -31.54 -4.18
CA VAL D 128 -7.76 -31.39 -4.44
C VAL D 128 -7.29 -32.79 -4.85
N GLY D 129 -6.76 -32.92 -6.07
CA GLY D 129 -6.20 -34.19 -6.52
C GLY D 129 -4.86 -33.95 -7.20
N ILE D 130 -4.10 -35.04 -7.43
CA ILE D 130 -2.83 -34.97 -8.17
C ILE D 130 -3.06 -35.06 -9.68
N ALA D 131 -2.67 -34.02 -10.42
CA ALA D 131 -2.85 -34.06 -11.88
C ALA D 131 -1.63 -34.58 -12.66
N PHE D 132 -0.45 -34.45 -12.08
CA PHE D 132 0.80 -34.59 -12.82
C PHE D 132 1.91 -34.74 -11.82
N THR D 133 2.82 -35.68 -12.07
CA THR D 133 4.07 -35.75 -11.35
C THR D 133 5.15 -36.12 -12.37
N LYS D 134 6.37 -35.64 -12.17
CA LYS D 134 7.54 -36.00 -13.01
C LYS D 134 8.85 -35.70 -12.29
N ARG D 135 9.67 -36.73 -12.07
CA ARG D 135 11.04 -36.56 -11.56
C ARG D 135 12.04 -36.69 -12.69
N LEU D 136 12.89 -35.69 -12.85
CA LEU D 136 13.87 -35.67 -13.92
C LEU D 136 15.32 -35.54 -13.42
N GLY D 137 15.54 -35.81 -12.14
CA GLY D 137 16.85 -35.55 -11.51
C GLY D 137 17.27 -34.10 -11.38
N ALA D 138 16.34 -33.13 -11.43
CA ALA D 138 16.72 -31.68 -11.51
C ALA D 138 16.22 -30.65 -10.45
N GLY D 139 14.92 -30.53 -10.23
CA GLY D 139 14.43 -29.35 -9.49
C GLY D 139 14.71 -29.27 -8.00
N PHE D 140 14.37 -28.13 -7.38
CA PHE D 140 14.33 -28.00 -5.92
C PHE D 140 12.88 -27.88 -5.39
N PHE D 141 12.13 -28.98 -5.52
CA PHE D 141 10.71 -29.05 -5.17
C PHE D 141 10.43 -29.94 -3.94
N GLY D 142 11.43 -30.17 -3.09
CA GLY D 142 11.22 -30.93 -1.85
C GLY D 142 11.41 -32.44 -1.96
N GLY D 143 11.55 -32.92 -3.19
CA GLY D 143 11.88 -34.32 -3.40
C GLY D 143 10.75 -35.23 -3.86
N GLU D 144 9.59 -34.69 -4.26
CA GLU D 144 8.66 -35.51 -5.07
C GLU D 144 8.73 -35.09 -6.51
N GLY D 145 9.62 -34.17 -6.81
CA GLY D 145 9.71 -33.66 -8.17
C GLY D 145 8.65 -32.59 -8.40
N PHE D 146 8.43 -32.25 -9.65
CA PHE D 146 7.41 -31.30 -10.00
C PHE D 146 6.00 -31.92 -9.97
N ILE D 147 5.13 -31.34 -9.15
CA ILE D 147 3.78 -31.85 -8.92
C ILE D 147 2.75 -30.76 -9.24
N LEU D 148 1.87 -31.07 -10.18
CA LEU D 148 0.68 -30.25 -10.43
C LEU D 148 -0.55 -30.82 -9.74
N GLN D 149 -1.21 -29.97 -8.95
CA GLN D 149 -2.52 -30.29 -8.36
C GLN D 149 -3.63 -29.86 -9.28
N LYS D 150 -4.75 -30.58 -9.19
CA LYS D 150 -5.96 -30.26 -9.89
C LYS D 150 -6.95 -29.80 -8.83
N LEU D 151 -7.52 -28.62 -9.04
CA LEU D 151 -8.41 -28.03 -8.06
C LEU D 151 -9.76 -28.00 -8.71
N GLU D 152 -10.74 -28.69 -8.12
CA GLU D 152 -12.07 -28.78 -8.73
C GLU D 152 -13.15 -28.32 -7.79
N GLY D 153 -14.16 -27.64 -8.34
CA GLY D 153 -15.34 -27.24 -7.56
C GLY D 153 -15.89 -25.90 -7.98
N ASP D 154 -16.64 -25.25 -7.09
CA ASP D 154 -17.30 -24.01 -7.48
C ASP D 154 -17.05 -22.82 -6.57
N GLY D 155 -16.08 -22.94 -5.68
CA GLY D 155 -15.75 -21.86 -4.78
C GLY D 155 -14.42 -21.22 -5.08
N LEU D 156 -13.83 -20.63 -4.06
CA LEU D 156 -12.62 -19.85 -4.23
C LEU D 156 -11.36 -20.64 -3.87
N VAL D 157 -10.34 -20.42 -4.67
CA VAL D 157 -8.99 -20.89 -4.37
C VAL D 157 -7.99 -19.74 -4.44
N PHE D 158 -6.95 -19.86 -3.62
CA PHE D 158 -5.91 -18.88 -3.48
C PHE D 158 -4.58 -19.55 -3.74
N VAL D 159 -3.87 -18.96 -4.69
CA VAL D 159 -2.54 -19.39 -5.04
C VAL D 159 -1.58 -18.23 -4.80
N HIS D 160 -0.33 -18.59 -4.58
CA HIS D 160 0.74 -17.63 -4.28
C HIS D 160 1.75 -17.63 -5.43
N ALA D 161 2.17 -16.46 -5.83
CA ALA D 161 3.16 -16.32 -6.89
C ALA D 161 4.40 -15.71 -6.31
N GLY D 162 5.46 -16.51 -6.14
CA GLY D 162 6.75 -16.02 -5.67
C GLY D 162 7.24 -14.85 -6.49
N GLY D 163 7.66 -13.77 -5.84
CA GLY D 163 8.03 -12.56 -6.58
C GLY D 163 6.77 -11.90 -7.10
N THR D 164 6.73 -11.56 -8.38
CA THR D 164 5.54 -10.94 -8.91
C THR D 164 4.82 -11.95 -9.79
N LEU D 165 3.52 -11.76 -9.95
CA LEU D 165 2.67 -12.61 -10.75
C LEU D 165 2.56 -12.06 -12.18
N ILE D 166 2.53 -13.00 -13.13
CA ILE D 166 2.37 -12.72 -14.55
C ILE D 166 1.27 -13.64 -15.05
N ARG D 167 0.16 -13.05 -15.43
CA ARG D 167 -0.97 -13.75 -16.00
C ARG D 167 -0.87 -13.55 -17.51
N ARG D 168 -1.00 -14.63 -18.28
CA ARG D 168 -0.96 -14.53 -19.74
C ARG D 168 -2.10 -15.31 -20.36
N GLN D 169 -2.65 -14.80 -21.45
CA GLN D 169 -3.65 -15.55 -22.15
C GLN D 169 -2.97 -16.18 -23.35
N LEU D 170 -3.28 -17.44 -23.60
CA LEU D 170 -2.79 -18.19 -24.75
C LEU D 170 -3.94 -18.42 -25.71
N ASN D 171 -3.71 -18.10 -26.98
CA ASN D 171 -4.73 -18.33 -28.01
C ASN D 171 -4.11 -19.14 -29.17
N GLY D 172 -4.06 -20.45 -28.99
CA GLY D 172 -3.48 -21.37 -29.98
C GLY D 172 -1.96 -21.31 -30.10
N GLU D 173 -1.33 -20.52 -29.25
CA GLU D 173 0.11 -20.31 -29.31
C GLU D 173 0.91 -21.22 -28.36
N THR D 174 2.23 -21.18 -28.47
CA THR D 174 3.09 -21.98 -27.61
C THR D 174 3.98 -21.09 -26.75
N LEU D 175 4.07 -21.44 -25.49
CA LEU D 175 4.85 -20.62 -24.57
C LEU D 175 5.82 -21.57 -23.88
N ARG D 176 7.06 -21.13 -23.71
CA ARG D 176 8.03 -21.94 -23.01
C ARG D 176 8.41 -21.19 -21.72
N VAL D 177 8.50 -21.92 -20.61
CA VAL D 177 8.56 -21.34 -19.32
C VAL D 177 9.53 -22.18 -18.48
N ASP D 178 10.31 -21.53 -17.63
CA ASP D 178 11.06 -22.27 -16.62
C ASP D 178 10.05 -23.02 -15.77
N THR D 179 10.27 -24.33 -15.56
CA THR D 179 9.25 -25.18 -14.91
C THR D 179 8.78 -24.65 -13.53
N GLY D 180 9.73 -24.24 -12.72
CA GLY D 180 9.41 -23.65 -11.40
C GLY D 180 8.52 -22.41 -11.51
N CYS D 181 8.60 -21.72 -12.66
CA CYS D 181 7.87 -20.45 -12.85
C CYS D 181 6.38 -20.63 -13.09
N LEU D 182 5.94 -21.86 -13.35
CA LEU D 182 4.55 -22.11 -13.66
C LEU D 182 3.78 -22.24 -12.35
N VAL D 183 2.86 -21.30 -12.15
CA VAL D 183 1.97 -21.29 -10.99
C VAL D 183 0.66 -22.09 -11.26
N ALA D 184 -0.03 -21.80 -12.34
CA ALA D 184 -1.35 -22.37 -12.56
C ALA D 184 -1.75 -22.15 -13.99
N PHE D 185 -2.66 -22.98 -14.46
CA PHE D 185 -3.28 -22.79 -15.76
C PHE D 185 -4.63 -23.49 -15.82
N THR D 186 -5.39 -23.18 -16.88
CA THR D 186 -6.73 -23.73 -17.13
C THR D 186 -6.70 -24.92 -18.09
N ASP D 187 -7.90 -25.53 -18.30
CA ASP D 187 -8.14 -26.53 -19.35
C ASP D 187 -7.86 -25.89 -20.70
N GLY D 188 -7.59 -26.72 -21.70
CA GLY D 188 -7.36 -26.23 -23.04
C GLY D 188 -5.91 -25.90 -23.29
N ILE D 189 -5.05 -26.27 -22.34
CA ILE D 189 -3.58 -26.06 -22.39
C ILE D 189 -2.85 -27.40 -22.20
N ASP D 190 -2.09 -27.79 -23.24
CA ASP D 190 -1.22 -28.95 -23.22
C ASP D 190 0.14 -28.52 -22.72
N TYR D 191 0.76 -29.40 -21.96
CA TYR D 191 2.00 -29.04 -21.27
C TYR D 191 2.94 -30.26 -21.19
N ASP D 192 4.21 -29.96 -21.01
CA ASP D 192 5.28 -30.94 -21.17
C ASP D 192 6.48 -30.48 -20.37
N VAL D 193 6.91 -31.29 -19.40
CA VAL D 193 8.14 -31.00 -18.64
C VAL D 193 9.38 -31.78 -19.14
N GLN D 194 10.42 -31.06 -19.58
CA GLN D 194 11.66 -31.63 -20.13
C GLN D 194 12.94 -30.93 -19.55
N LEU D 195 14.06 -31.64 -19.52
CA LEU D 195 15.39 -30.99 -19.26
C LEU D 195 15.75 -30.23 -20.49
N ALA D 196 15.93 -28.91 -20.42
CA ALA D 196 16.22 -28.12 -21.64
C ALA D 196 17.58 -28.48 -22.25
N GLY D 197 17.56 -28.98 -23.48
CA GLY D 197 18.81 -29.32 -24.18
C GLY D 197 19.43 -28.04 -24.69
N GLY D 198 20.68 -27.78 -24.28
CA GLY D 198 21.37 -26.57 -24.70
C GLY D 198 20.72 -25.28 -24.27
N LEU D 199 20.28 -25.26 -23.02
CA LEU D 199 20.04 -24.03 -22.30
C LEU D 199 20.82 -24.35 -21.07
N LYS D 200 21.99 -23.78 -20.94
CA LYS D 200 22.85 -24.11 -19.82
C LYS D 200 23.07 -22.91 -18.92
N SER D 201 23.06 -23.18 -17.62
CA SER D 201 23.28 -22.17 -16.61
C SER D 201 24.41 -22.65 -15.70
N MSE D 202 25.22 -21.72 -15.20
CA MSE D 202 26.27 -22.04 -14.24
C MSE D 202 25.80 -21.83 -12.81
O MSE D 202 26.53 -22.14 -11.86
CB MSE D 202 27.52 -21.19 -14.46
CG MSE D 202 28.11 -21.24 -15.86
SE MSE D 202 28.23 -23.07 -16.57
CE MSE D 202 29.56 -23.81 -15.29
N LEU D 203 24.59 -21.29 -12.66
CA LEU D 203 24.07 -20.85 -11.37
C LEU D 203 23.55 -21.98 -10.45
N PHE D 204 23.30 -23.16 -11.03
CA PHE D 204 22.77 -24.27 -10.28
C PHE D 204 23.64 -25.55 -10.31
N GLY D 205 24.96 -25.40 -10.46
CA GLY D 205 25.86 -26.56 -10.50
C GLY D 205 25.77 -27.47 -11.74
N GLY D 206 25.02 -27.04 -12.75
CA GLY D 206 24.84 -27.81 -13.98
C GLY D 206 23.95 -29.04 -13.87
N GLU D 207 22.94 -28.98 -13.01
CA GLU D 207 21.94 -30.06 -12.92
C GLU D 207 21.04 -30.14 -14.16
N GLY D 208 21.03 -29.06 -14.93
CA GLY D 208 20.14 -28.96 -16.08
C GLY D 208 18.93 -28.09 -15.73
N LEU D 209 18.54 -27.25 -16.67
CA LEU D 209 17.30 -26.45 -16.49
C LEU D 209 16.12 -27.29 -16.90
N LEU D 210 15.02 -27.12 -16.19
CA LEU D 210 13.77 -27.72 -16.59
C LEU D 210 12.99 -26.69 -17.38
N LEU D 211 12.57 -27.11 -18.56
CA LEU D 211 11.71 -26.30 -19.41
C LEU D 211 10.32 -26.96 -19.54
N THR D 212 9.30 -26.17 -19.27
CA THR D 212 7.92 -26.56 -19.56
C THR D 212 7.42 -25.87 -20.83
N THR D 213 6.90 -26.68 -21.73
CA THR D 213 6.32 -26.18 -22.93
C THR D 213 4.76 -26.24 -22.90
N LEU D 214 4.15 -25.08 -23.10
CA LEU D 214 2.71 -24.95 -22.99
C LEU D 214 2.14 -24.59 -24.35
N LYS D 215 1.09 -25.28 -24.76
CA LYS D 215 0.39 -24.85 -25.97
C LYS D 215 -1.12 -25.13 -25.94
N GLY D 216 -1.85 -24.21 -26.57
CA GLY D 216 -3.29 -24.34 -26.73
C GLY D 216 -3.93 -23.02 -26.42
N SER D 217 -5.07 -23.08 -25.74
CA SER D 217 -5.86 -21.90 -25.46
C SER D 217 -6.31 -21.93 -24.00
N GLY D 218 -6.11 -20.84 -23.28
CA GLY D 218 -6.54 -20.74 -21.88
C GLY D 218 -5.72 -19.67 -21.19
N THR D 219 -5.73 -19.68 -19.86
CA THR D 219 -4.96 -18.67 -19.10
C THR D 219 -3.83 -19.36 -18.35
N VAL D 220 -2.68 -18.71 -18.25
CA VAL D 220 -1.60 -19.26 -17.45
C VAL D 220 -1.13 -18.21 -16.47
N TRP D 221 -0.79 -18.65 -15.27
CA TRP D 221 -0.33 -17.73 -14.25
C TRP D 221 1.13 -18.11 -13.99
N LEU D 222 2.02 -17.13 -14.07
CA LEU D 222 3.46 -17.30 -13.83
C LEU D 222 3.95 -16.48 -12.65
N GLN D 223 5.05 -16.96 -12.03
CA GLN D 223 5.74 -16.26 -10.97
C GLN D 223 7.16 -15.96 -11.41
N SER D 224 7.70 -14.84 -10.97
CA SER D 224 9.05 -14.48 -11.35
C SER D 224 10.07 -15.04 -10.38
N LEU D 225 9.67 -15.32 -9.14
CA LEU D 225 10.62 -15.85 -8.20
C LEU D 225 10.15 -17.20 -7.60
N PRO D 226 10.27 -18.29 -8.39
CA PRO D 226 9.86 -19.59 -7.92
C PRO D 226 10.62 -19.93 -6.67
N PHE D 227 9.97 -20.62 -5.76
CA PHE D 227 10.67 -21.08 -4.56
C PHE D 227 11.87 -21.98 -4.87
N SER D 228 11.72 -22.79 -5.92
CA SER D 228 12.73 -23.79 -6.30
C SER D 228 14.01 -23.15 -6.86
N ARG D 229 13.86 -22.00 -7.51
CA ARG D 229 14.98 -21.21 -7.97
C ARG D 229 15.71 -20.54 -6.80
N LEU D 230 14.94 -19.96 -5.89
CA LEU D 230 15.52 -19.37 -4.68
C LEU D 230 16.32 -20.46 -3.92
N ALA D 231 15.69 -21.61 -3.70
CA ALA D 231 16.33 -22.64 -2.88
C ALA D 231 17.53 -23.23 -3.59
N GLY D 232 17.35 -23.59 -4.84
CA GLY D 232 18.47 -24.08 -5.64
C GLY D 232 19.67 -23.17 -5.80
N ARG D 233 19.45 -21.86 -5.92
CA ARG D 233 20.59 -20.94 -6.05
C ARG D 233 21.36 -20.77 -4.72
N ILE D 234 20.61 -20.74 -3.63
CA ILE D 234 21.16 -20.65 -2.30
C ILE D 234 21.97 -21.90 -2.01
N TYR D 235 21.42 -23.04 -2.46
CA TYR D 235 22.08 -24.31 -2.27
C TYR D 235 23.36 -24.33 -3.09
N ASP D 236 23.28 -23.87 -4.33
CA ASP D 236 24.47 -23.81 -5.16
C ASP D 236 25.60 -22.95 -4.55
N ALA D 237 25.25 -21.78 -4.01
CA ALA D 237 26.23 -20.76 -3.55
C ALA D 237 26.80 -21.07 -2.17
N THR D 238 26.10 -21.87 -1.38
CA THR D 238 26.55 -22.11 -0.02
C THR D 238 26.82 -23.57 0.32
N PHE D 239 27.81 -24.22 -0.32
CA PHE D 239 28.06 -25.69 -0.08
C PHE D 239 29.42 -26.22 -0.61
N SER E 5 24.83 -1.92 -31.45
CA SER E 5 24.07 -2.39 -30.24
C SER E 5 22.58 -2.11 -30.37
N HIS E 6 21.81 -3.20 -30.34
CA HIS E 6 20.37 -3.21 -30.56
C HIS E 6 19.61 -2.28 -29.59
N GLU E 7 18.55 -1.64 -30.06
CA GLU E 7 17.73 -0.77 -29.19
C GLU E 7 16.52 -1.53 -28.67
N LEU E 8 16.63 -1.94 -27.42
CA LEU E 8 15.69 -2.88 -26.86
C LEU E 8 14.50 -2.21 -26.22
N ASP E 9 13.33 -2.64 -26.65
CA ASP E 9 12.15 -2.28 -25.93
C ASP E 9 11.99 -3.29 -24.81
N TYR E 10 11.37 -2.86 -23.71
CA TYR E 10 11.18 -3.77 -22.61
C TYR E 10 10.12 -3.19 -21.74
N ARG E 11 9.57 -4.03 -20.88
CA ARG E 11 8.80 -3.54 -19.73
C ARG E 11 9.21 -4.25 -18.46
N ILE E 12 9.40 -3.44 -17.42
CA ILE E 12 9.70 -3.95 -16.10
C ILE E 12 8.38 -4.19 -15.35
N LEU E 13 8.10 -5.46 -15.05
CA LEU E 13 6.89 -5.88 -14.31
C LEU E 13 7.07 -5.97 -12.81
N GLY E 14 6.02 -5.59 -12.09
CA GLY E 14 5.97 -5.73 -10.64
C GLY E 14 6.36 -4.49 -9.85
N GLU E 15 6.21 -4.59 -8.53
CA GLU E 15 6.48 -3.45 -7.63
C GLU E 15 7.76 -3.60 -6.82
N SER E 16 7.73 -4.28 -5.68
CA SER E 16 8.98 -4.50 -4.96
C SER E 16 9.84 -5.63 -5.50
N MSE E 17 9.22 -6.67 -6.02
CA MSE E 17 9.95 -7.75 -6.66
C MSE E 17 9.69 -7.65 -8.15
O MSE E 17 8.53 -7.64 -8.59
CB MSE E 17 9.57 -9.10 -6.09
CG MSE E 17 10.19 -9.31 -4.76
SE MSE E 17 9.40 -10.71 -3.64
CE MSE E 17 7.56 -9.94 -3.37
N GLN E 18 10.76 -7.53 -8.92
CA GLN E 18 10.62 -7.28 -10.35
C GLN E 18 11.21 -8.32 -11.28
N THR E 19 10.64 -8.36 -12.48
CA THR E 19 11.16 -9.04 -13.64
C THR E 19 11.14 -8.07 -14.85
N VAL E 20 12.06 -8.26 -15.78
CA VAL E 20 12.09 -7.49 -17.01
C VAL E 20 11.63 -8.37 -18.12
N GLU E 21 10.60 -7.92 -18.83
CA GLU E 21 10.21 -8.60 -20.06
C GLU E 21 10.79 -7.80 -21.22
N ILE E 22 11.57 -8.48 -22.06
CA ILE E 22 12.28 -7.89 -23.19
C ILE E 22 11.51 -8.19 -24.47
N GLU E 23 11.36 -7.17 -25.29
CA GLU E 23 10.63 -7.31 -26.53
C GLU E 23 11.61 -7.30 -27.70
N LEU E 24 11.51 -8.29 -28.56
CA LEU E 24 12.44 -8.43 -29.67
C LEU E 24 11.68 -8.50 -31.03
N ASP E 25 12.09 -7.65 -31.97
CA ASP E 25 11.60 -7.72 -33.33
C ASP E 25 12.39 -8.80 -34.04
N PRO E 26 11.92 -9.25 -35.22
CA PRO E 26 12.65 -10.29 -35.91
C PRO E 26 14.16 -9.98 -35.99
N GLY E 27 14.97 -11.01 -35.77
CA GLY E 27 16.41 -10.82 -35.79
C GLY E 27 17.08 -10.12 -34.62
N GLU E 28 16.31 -9.51 -33.71
CA GLU E 28 16.90 -8.88 -32.52
C GLU E 28 17.33 -9.93 -31.45
N THR E 29 18.37 -9.58 -30.68
CA THR E 29 18.92 -10.47 -29.68
C THR E 29 19.03 -9.77 -28.32
N VAL E 30 18.80 -10.50 -27.23
CA VAL E 30 19.22 -10.03 -25.93
C VAL E 30 20.07 -11.11 -25.23
N ILE E 31 20.98 -10.71 -24.36
CA ILE E 31 21.90 -11.62 -23.70
C ILE E 31 21.65 -11.69 -22.19
N ALA E 32 21.77 -12.89 -21.61
CA ALA E 32 21.47 -13.14 -20.18
C ALA E 32 22.07 -14.49 -19.76
N GLU E 33 22.24 -14.70 -18.46
CA GLU E 33 22.38 -16.06 -17.89
C GLU E 33 21.05 -16.81 -18.16
N ALA E 34 21.12 -18.01 -18.73
CA ALA E 34 19.93 -18.82 -19.03
C ALA E 34 19.09 -19.13 -17.76
N GLY E 35 19.77 -19.16 -16.61
CA GLY E 35 19.16 -19.36 -15.29
C GLY E 35 18.26 -18.24 -14.79
N ALA E 36 18.28 -17.10 -15.49
CA ALA E 36 17.42 -15.98 -15.17
C ALA E 36 16.14 -15.95 -16.00
N MSE E 37 16.06 -16.76 -17.06
CA MSE E 37 14.94 -16.74 -17.93
C MSE E 37 13.70 -17.34 -17.27
O MSE E 37 13.77 -18.43 -16.70
CB MSE E 37 15.29 -17.46 -19.25
CG MSE E 37 14.18 -17.56 -20.29
SE MSE E 37 12.77 -18.96 -20.06
CE MSE E 37 13.82 -20.60 -19.89
N ASN E 38 12.57 -16.62 -17.36
CA ASN E 38 11.26 -17.06 -16.85
C ASN E 38 10.44 -17.71 -17.94
N TYR E 39 10.20 -16.98 -19.03
CA TYR E 39 9.40 -17.49 -20.16
C TYR E 39 9.85 -16.88 -21.50
N MSE E 40 9.58 -17.59 -22.57
CA MSE E 40 9.82 -17.05 -23.89
C MSE E 40 8.65 -17.44 -24.79
O MSE E 40 8.12 -18.54 -24.72
CB MSE E 40 11.18 -17.49 -24.48
CG MSE E 40 11.52 -18.90 -24.19
SE MSE E 40 13.44 -19.36 -24.51
CE MSE E 40 13.31 -21.27 -24.03
N THR E 41 8.26 -16.52 -25.65
CA THR E 41 7.17 -16.76 -26.58
C THR E 41 7.71 -17.65 -27.70
N GLY E 42 6.85 -17.99 -28.65
CA GLY E 42 7.09 -19.15 -29.52
C GLY E 42 8.33 -19.16 -30.41
N ASP E 43 8.73 -17.99 -30.92
CA ASP E 43 9.83 -17.97 -31.91
C ASP E 43 11.25 -17.57 -31.39
N ILE E 44 11.38 -17.32 -30.09
CA ILE E 44 12.69 -17.17 -29.43
C ILE E 44 13.50 -18.45 -29.50
N ARG E 45 14.71 -18.31 -29.99
CA ARG E 45 15.68 -19.41 -29.91
C ARG E 45 16.91 -18.82 -29.25
N PHE E 46 17.89 -19.66 -28.94
CA PHE E 46 19.06 -19.19 -28.20
C PHE E 46 20.31 -19.95 -28.65
N THR E 47 21.45 -19.29 -28.53
CA THR E 47 22.76 -19.94 -28.69
C THR E 47 23.55 -19.59 -27.46
N ALA E 48 24.72 -20.20 -27.31
CA ALA E 48 25.55 -19.93 -26.15
C ALA E 48 26.92 -19.39 -26.52
N ARG E 49 27.33 -18.35 -25.82
CA ARG E 49 28.72 -17.93 -25.80
C ARG E 49 29.48 -18.83 -24.84
N MSE E 50 30.44 -19.58 -25.38
CA MSE E 50 31.19 -20.55 -24.56
C MSE E 50 32.41 -19.97 -23.87
O MSE E 50 33.03 -19.05 -24.38
CB MSE E 50 31.59 -21.77 -25.38
CG MSE E 50 31.13 -23.03 -24.75
SE MSE E 50 29.27 -23.30 -25.28
CE MSE E 50 29.78 -24.28 -26.93
N GLY E 51 32.75 -20.52 -22.70
CA GLY E 51 33.86 -20.02 -21.88
C GLY E 51 33.40 -19.32 -20.61
N SER E 74 31.23 -23.57 -18.16
CA SER E 74 31.78 -23.34 -19.48
C SER E 74 30.83 -22.55 -20.41
N VAL E 75 29.57 -22.33 -20.02
CA VAL E 75 28.71 -21.32 -20.72
C VAL E 75 28.76 -19.97 -20.02
N PHE E 76 29.24 -18.97 -20.74
CA PHE E 76 29.41 -17.65 -20.17
C PHE E 76 28.11 -16.81 -20.23
N MSE E 77 27.34 -16.96 -21.31
CA MSE E 77 26.21 -16.08 -21.62
C MSE E 77 25.38 -16.79 -22.65
O MSE E 77 25.92 -17.43 -23.53
CB MSE E 77 26.73 -14.77 -22.21
CG MSE E 77 25.73 -13.64 -22.26
SE MSE E 77 25.41 -12.84 -20.46
CE MSE E 77 27.12 -12.00 -20.11
N THR E 78 24.05 -16.70 -22.51
CA THR E 78 23.15 -17.23 -23.53
C THR E 78 22.63 -16.06 -24.38
N HIS E 79 22.54 -16.24 -25.68
CA HIS E 79 21.99 -15.19 -26.54
C HIS E 79 20.58 -15.60 -26.95
N PHE E 80 19.59 -14.79 -26.60
CA PHE E 80 18.20 -15.08 -26.93
C PHE E 80 17.75 -14.28 -28.14
N THR E 81 17.30 -14.98 -29.17
CA THR E 81 16.95 -14.37 -30.47
C THR E 81 15.55 -14.62 -31.02
N ASN E 82 14.98 -13.59 -31.60
CA ASN E 82 13.74 -13.70 -32.32
C ASN E 82 13.98 -14.15 -33.78
N GLU E 83 13.83 -15.46 -34.01
CA GLU E 83 14.08 -16.08 -35.31
C GLU E 83 12.75 -16.39 -35.98
N GLY E 84 11.78 -15.48 -35.81
CA GLY E 84 10.48 -15.60 -36.43
C GLY E 84 9.76 -14.31 -36.76
N GLN E 85 8.44 -14.37 -36.59
CA GLN E 85 7.41 -13.46 -37.13
C GLN E 85 7.44 -11.98 -36.74
N GLY E 86 6.78 -11.67 -35.63
CA GLY E 86 6.59 -10.28 -35.24
C GLY E 86 7.22 -10.07 -33.89
N LYS E 87 6.52 -9.30 -33.05
CA LYS E 87 6.95 -9.01 -31.67
C LYS E 87 7.06 -10.33 -30.91
N GLN E 88 8.23 -10.57 -30.32
CA GLN E 88 8.43 -11.72 -29.45
C GLN E 88 8.92 -11.22 -28.10
N HIS E 89 8.77 -12.04 -27.07
CA HIS E 89 9.09 -11.63 -25.72
C HIS E 89 9.81 -12.72 -24.93
N VAL E 90 10.79 -12.30 -24.12
CA VAL E 90 11.47 -13.19 -23.16
C VAL E 90 11.56 -12.37 -21.92
N ALA E 91 11.31 -13.01 -20.79
CA ALA E 91 11.48 -12.34 -19.49
C ALA E 91 12.54 -13.00 -18.61
N PHE E 92 13.19 -12.15 -17.83
CA PHE E 92 14.28 -12.52 -16.92
C PHE E 92 14.00 -12.00 -15.55
N ALA E 93 14.46 -12.72 -14.53
CA ALA E 93 14.39 -12.25 -13.14
C ALA E 93 15.49 -12.89 -12.31
N ALA E 94 16.05 -12.14 -11.38
CA ALA E 94 17.12 -12.65 -10.53
C ALA E 94 16.58 -13.73 -9.59
N PRO E 95 17.46 -14.61 -9.08
CA PRO E 95 16.95 -15.69 -8.24
C PRO E 95 16.85 -15.30 -6.77
N TYR E 96 16.80 -14.01 -6.47
CA TYR E 96 16.47 -13.54 -5.10
C TYR E 96 15.67 -12.20 -5.13
N PRO E 97 14.93 -11.88 -4.05
CA PRO E 97 13.94 -10.77 -4.12
C PRO E 97 14.55 -9.37 -4.20
N GLY E 98 14.04 -8.53 -5.11
CA GLY E 98 14.54 -7.17 -5.26
C GLY E 98 13.97 -6.54 -6.51
N SER E 99 14.52 -5.39 -6.90
CA SER E 99 13.95 -4.69 -8.03
C SER E 99 14.95 -4.58 -9.18
N VAL E 100 14.47 -4.20 -10.34
CA VAL E 100 15.27 -4.19 -11.55
C VAL E 100 15.46 -2.75 -12.05
N VAL E 101 16.69 -2.31 -12.30
CA VAL E 101 16.93 -0.99 -12.90
C VAL E 101 17.46 -1.18 -14.31
N ALA E 102 16.88 -0.49 -15.27
CA ALA E 102 17.46 -0.32 -16.60
C ALA E 102 18.52 0.78 -16.52
N VAL E 103 19.69 0.51 -17.09
CA VAL E 103 20.74 1.51 -17.10
C VAL E 103 21.22 1.67 -18.54
N ASP E 104 20.99 2.85 -19.10
CA ASP E 104 21.48 3.15 -20.44
C ASP E 104 22.95 3.46 -20.31
N LEU E 105 23.76 2.65 -20.98
CA LEU E 105 25.23 2.77 -20.98
C LEU E 105 25.74 4.09 -21.65
N ASP E 106 24.95 4.68 -22.53
CA ASP E 106 25.19 6.07 -23.03
C ASP E 106 25.10 7.10 -21.94
N ASP E 107 24.21 6.88 -20.99
CA ASP E 107 24.05 7.77 -19.85
C ASP E 107 25.24 7.67 -18.88
N VAL E 108 26.14 6.70 -19.11
CA VAL E 108 27.25 6.46 -18.16
C VAL E 108 28.64 6.31 -18.80
N GLY E 109 28.89 7.07 -19.87
CA GLY E 109 30.15 6.97 -20.61
C GLY E 109 30.52 5.59 -21.13
N GLY E 110 29.51 4.76 -21.41
CA GLY E 110 29.73 3.48 -22.11
C GLY E 110 30.27 2.33 -21.26
N ARG E 111 30.39 2.54 -19.95
CA ARG E 111 30.93 1.54 -19.02
C ARG E 111 30.07 1.41 -17.78
N LEU E 112 29.79 0.17 -17.38
CA LEU E 112 29.33 -0.07 -16.00
C LEU E 112 30.01 -1.28 -15.36
N PHE E 113 30.46 -1.13 -14.13
CA PHE E 113 30.95 -2.26 -13.32
C PHE E 113 29.81 -2.73 -12.43
N CYS E 114 29.53 -4.03 -12.40
CA CYS E 114 28.48 -4.51 -11.51
C CYS E 114 28.83 -5.83 -10.88
N GLN E 115 28.41 -6.03 -9.63
CA GLN E 115 28.60 -7.32 -8.98
C GLN E 115 27.90 -8.34 -9.87
N LYS E 116 28.53 -9.50 -10.04
CA LYS E 116 28.04 -10.51 -11.01
C LYS E 116 26.63 -11.07 -10.72
N ASP E 117 26.31 -11.27 -9.45
CA ASP E 117 24.96 -11.74 -9.09
C ASP E 117 23.90 -10.69 -9.48
N SER E 118 24.31 -9.42 -9.61
CA SER E 118 23.40 -8.31 -10.00
C SER E 118 23.13 -8.13 -11.47
N PHE E 119 23.91 -8.77 -12.35
CA PHE E 119 23.66 -8.63 -13.79
C PHE E 119 22.44 -9.43 -14.18
N LEU E 120 21.56 -8.85 -14.97
CA LEU E 120 20.34 -9.55 -15.36
C LEU E 120 20.36 -9.89 -16.84
N CYS E 121 20.43 -8.86 -17.69
CA CYS E 121 20.48 -9.04 -19.15
C CYS E 121 20.97 -7.77 -19.81
N ALA E 122 21.16 -7.82 -21.11
CA ALA E 122 21.74 -6.67 -21.77
C ALA E 122 21.47 -6.75 -23.25
N ALA E 123 21.40 -5.58 -23.87
CA ALA E 123 21.24 -5.48 -25.30
C ALA E 123 22.38 -6.26 -25.96
N TYR E 124 22.08 -7.01 -27.00
CA TYR E 124 23.14 -7.53 -27.85
C TYR E 124 24.06 -6.42 -28.36
N GLY E 125 25.37 -6.67 -28.32
CA GLY E 125 26.35 -5.64 -28.59
C GLY E 125 27.02 -5.15 -27.32
N THR E 126 26.42 -5.46 -26.18
CA THR E 126 27.11 -5.20 -24.89
C THR E 126 28.28 -6.19 -24.74
N ARG E 127 29.41 -5.65 -24.33
CA ARG E 127 30.66 -6.38 -24.08
C ARG E 127 30.79 -6.59 -22.58
N VAL E 128 30.73 -7.84 -22.15
CA VAL E 128 30.76 -8.19 -20.75
C VAL E 128 32.09 -8.89 -20.43
N GLY E 129 32.82 -8.35 -19.47
CA GLY E 129 34.08 -8.95 -19.02
C GLY E 129 34.21 -8.96 -17.52
N ILE E 130 35.07 -9.87 -17.01
CA ILE E 130 35.36 -9.93 -15.58
C ILE E 130 36.35 -8.84 -15.24
N ALA E 131 35.99 -7.98 -14.30
CA ALA E 131 36.83 -6.85 -13.91
C ALA E 131 37.62 -7.17 -12.67
N PHE E 132 37.20 -8.18 -11.94
CA PHE E 132 37.69 -8.41 -10.59
C PHE E 132 37.09 -9.68 -10.01
N THR E 133 37.94 -10.53 -9.47
CA THR E 133 37.50 -11.72 -8.75
C THR E 133 38.33 -11.74 -7.49
N LYS E 134 37.71 -12.16 -6.40
CA LYS E 134 38.41 -12.24 -5.13
C LYS E 134 37.66 -13.03 -4.10
N ARG E 135 38.23 -14.20 -3.79
CA ARG E 135 37.82 -15.04 -2.65
C ARG E 135 38.22 -14.35 -1.35
N LEU E 136 37.31 -14.31 -0.37
CA LEU E 136 37.54 -13.62 0.89
C LEU E 136 36.94 -14.36 2.08
N GLY E 137 37.80 -14.75 3.03
CA GLY E 137 37.33 -15.29 4.30
C GLY E 137 36.78 -16.69 4.15
N ALA E 138 36.08 -17.16 5.19
CA ALA E 138 35.55 -18.53 5.20
C ALA E 138 34.04 -18.47 5.01
N GLY E 139 33.51 -17.23 5.06
CA GLY E 139 32.08 -16.96 4.94
C GLY E 139 31.62 -17.12 3.50
N PHE E 140 30.54 -16.40 3.16
CA PHE E 140 29.91 -16.50 1.84
C PHE E 140 30.87 -16.26 0.70
N PHE E 141 31.75 -15.26 0.85
CA PHE E 141 32.64 -14.87 -0.25
C PHE E 141 33.95 -15.71 -0.29
N GLY E 142 34.08 -16.66 0.64
CA GLY E 142 35.12 -17.69 0.57
C GLY E 142 34.77 -18.79 -0.42
N GLY E 143 33.49 -18.82 -0.82
CA GLY E 143 32.99 -19.83 -1.73
C GLY E 143 33.34 -19.45 -3.14
N GLU E 144 32.36 -18.93 -3.87
CA GLU E 144 32.57 -18.40 -5.22
C GLU E 144 33.50 -17.17 -5.26
N GLY E 145 33.42 -16.35 -4.21
CA GLY E 145 34.21 -15.10 -4.21
C GLY E 145 33.40 -13.92 -4.75
N PHE E 146 33.89 -12.71 -4.46
CA PHE E 146 33.24 -11.48 -4.89
C PHE E 146 33.64 -11.24 -6.33
N ILE E 147 32.66 -11.14 -7.22
CA ILE E 147 32.95 -10.98 -8.65
C ILE E 147 32.32 -9.70 -9.20
N LEU E 148 33.18 -8.87 -9.76
CA LEU E 148 32.76 -7.68 -10.46
C LEU E 148 32.90 -7.91 -11.96
N GLN E 149 31.82 -7.62 -12.66
CA GLN E 149 31.79 -7.56 -14.10
C GLN E 149 31.82 -6.12 -14.65
N LYS E 150 32.27 -6.04 -15.90
CA LYS E 150 32.47 -4.82 -16.60
C LYS E 150 31.63 -4.96 -17.84
N LEU E 151 30.74 -4.01 -18.00
CA LEU E 151 29.80 -3.98 -19.09
C LEU E 151 30.17 -2.75 -19.93
N GLU E 152 30.50 -2.98 -21.19
CA GLU E 152 30.90 -1.91 -22.10
C GLU E 152 30.02 -1.91 -23.33
N GLY E 153 29.63 -0.71 -23.77
CA GLY E 153 28.91 -0.54 -25.05
C GLY E 153 27.93 0.65 -25.07
N ASP E 154 26.92 0.60 -25.93
CA ASP E 154 26.00 1.75 -26.00
C ASP E 154 24.53 1.43 -25.87
N GLY E 155 24.21 0.24 -25.39
CA GLY E 155 22.79 -0.16 -25.23
C GLY E 155 22.31 -0.14 -23.78
N LEU E 156 21.11 -0.69 -23.58
CA LEU E 156 20.51 -0.89 -22.28
C LEU E 156 21.08 -2.11 -21.58
N VAL E 157 21.28 -1.95 -20.29
CA VAL E 157 21.75 -2.98 -19.44
C VAL E 157 20.74 -3.04 -18.28
N PHE E 158 20.46 -4.26 -17.79
CA PHE E 158 19.53 -4.43 -16.70
C PHE E 158 20.21 -5.08 -15.50
N VAL E 159 20.12 -4.39 -14.36
CA VAL E 159 20.71 -4.89 -13.11
C VAL E 159 19.64 -5.12 -12.04
N HIS E 160 19.92 -6.03 -11.12
CA HIS E 160 19.00 -6.33 -10.05
C HIS E 160 19.54 -5.90 -8.70
N ALA E 161 18.70 -5.28 -7.87
CA ALA E 161 19.14 -4.97 -6.51
C ALA E 161 18.36 -5.81 -5.57
N GLY E 162 19.04 -6.61 -4.76
CA GLY E 162 18.36 -7.32 -3.68
C GLY E 162 17.77 -6.32 -2.67
N GLY E 163 16.54 -6.58 -2.27
CA GLY E 163 15.81 -5.69 -1.38
C GLY E 163 15.51 -4.39 -2.13
N THR E 164 15.88 -3.27 -1.54
CA THR E 164 15.67 -1.98 -2.21
C THR E 164 16.98 -1.44 -2.81
N LEU E 165 16.87 -0.79 -3.96
CA LEU E 165 17.99 -0.12 -4.60
C LEU E 165 18.29 1.20 -3.90
N ILE E 166 19.56 1.46 -3.65
CA ILE E 166 19.96 2.76 -3.14
C ILE E 166 21.00 3.29 -4.12
N ARG E 167 20.62 4.35 -4.82
CA ARG E 167 21.50 5.02 -5.75
C ARG E 167 22.13 6.15 -4.97
N ARG E 168 23.41 6.41 -5.24
CA ARG E 168 24.20 7.39 -4.52
C ARG E 168 25.17 8.00 -5.51
N GLN E 169 25.26 9.32 -5.44
CA GLN E 169 26.23 10.05 -6.22
C GLN E 169 27.42 10.35 -5.31
N LEU E 170 28.62 10.04 -5.80
CA LEU E 170 29.84 10.46 -5.10
C LEU E 170 30.44 11.66 -5.84
N ASN E 171 30.69 12.73 -5.08
CA ASN E 171 31.27 14.00 -5.57
C ASN E 171 32.61 14.21 -4.86
N GLY E 172 33.63 13.45 -5.28
CA GLY E 172 34.92 13.40 -4.58
C GLY E 172 34.79 12.91 -3.14
N GLU E 173 34.08 11.81 -2.93
CA GLU E 173 33.77 11.37 -1.56
C GLU E 173 34.22 9.93 -1.24
N THR E 174 34.18 9.57 0.05
CA THR E 174 34.42 8.19 0.48
C THR E 174 33.16 7.55 1.11
N LEU E 175 32.75 6.44 0.54
CA LEU E 175 31.67 5.65 1.13
C LEU E 175 32.23 4.27 1.51
N ARG E 176 31.92 3.79 2.71
CA ARG E 176 32.19 2.41 3.07
C ARG E 176 30.89 1.60 3.08
N VAL E 177 30.86 0.52 2.30
CA VAL E 177 29.67 -0.30 2.24
C VAL E 177 30.03 -1.73 2.65
N ASP E 178 29.08 -2.46 3.25
CA ASP E 178 29.19 -3.90 3.39
C ASP E 178 29.36 -4.49 1.99
N THR E 179 30.39 -5.31 1.80
CA THR E 179 30.85 -5.76 0.49
C THR E 179 29.79 -6.35 -0.44
N GLY E 180 28.97 -7.24 0.10
CA GLY E 180 27.82 -7.75 -0.67
C GLY E 180 26.81 -6.69 -1.16
N CYS E 181 26.76 -5.52 -0.51
CA CYS E 181 25.73 -4.50 -0.81
C CYS E 181 26.02 -3.68 -2.06
N LEU E 182 27.26 -3.72 -2.54
CA LEU E 182 27.63 -3.08 -3.80
C LEU E 182 27.03 -3.73 -5.03
N VAL E 183 26.15 -3.02 -5.72
CA VAL E 183 25.52 -3.54 -6.95
C VAL E 183 26.31 -3.17 -8.22
N ALA E 184 26.67 -1.89 -8.34
CA ALA E 184 27.25 -1.36 -9.55
C ALA E 184 27.82 0.03 -9.30
N PHE E 185 28.73 0.44 -10.18
CA PHE E 185 29.35 1.77 -10.13
C PHE E 185 29.90 2.18 -11.49
N THR E 186 30.00 3.51 -11.68
CA THR E 186 30.47 4.12 -12.93
C THR E 186 31.98 4.27 -12.93
N ASP E 187 32.51 4.65 -14.09
CA ASP E 187 33.90 5.15 -14.15
C ASP E 187 34.08 6.26 -13.14
N GLY E 188 35.32 6.41 -12.67
CA GLY E 188 35.63 7.46 -11.71
C GLY E 188 35.58 7.06 -10.25
N ILE E 189 35.12 5.84 -9.99
CA ILE E 189 35.01 5.29 -8.64
C ILE E 189 36.09 4.23 -8.45
N ASP E 190 36.87 4.34 -7.39
CA ASP E 190 37.86 3.31 -7.04
C ASP E 190 37.41 2.50 -5.82
N TYR E 191 37.73 1.20 -5.81
CA TYR E 191 37.34 0.34 -4.68
C TYR E 191 38.48 -0.42 -4.01
N ASP E 192 38.27 -0.71 -2.73
CA ASP E 192 39.18 -1.53 -1.97
C ASP E 192 38.42 -2.35 -0.93
N VAL E 193 38.69 -3.64 -0.91
CA VAL E 193 38.01 -4.56 0.01
C VAL E 193 38.93 -4.89 1.19
N GLN E 194 38.42 -4.69 2.40
CA GLN E 194 39.15 -4.99 3.62
C GLN E 194 38.28 -5.76 4.61
N LEU E 195 38.94 -6.54 5.48
CA LEU E 195 38.28 -7.11 6.65
C LEU E 195 38.55 -6.16 7.80
N ALA E 196 37.49 -5.80 8.51
CA ALA E 196 37.57 -4.73 9.49
C ALA E 196 36.78 -5.10 10.73
N GLU E 207 31.88 -11.82 14.62
CA GLU E 207 32.80 -12.15 13.55
C GLU E 207 33.21 -10.89 12.75
N GLY E 208 34.37 -10.96 12.10
CA GLY E 208 34.83 -9.90 11.18
C GLY E 208 33.81 -9.47 10.12
N LEU E 209 34.04 -8.24 9.63
CA LEU E 209 33.19 -7.56 8.66
C LEU E 209 34.00 -7.27 7.39
N LEU E 210 33.48 -7.63 6.22
CA LEU E 210 34.12 -7.30 4.97
C LEU E 210 33.50 -5.98 4.47
N LEU E 211 34.35 -4.95 4.42
CA LEU E 211 34.02 -3.59 4.02
C LEU E 211 34.66 -3.26 2.69
N THR E 212 33.86 -2.65 1.82
CA THR E 212 34.34 -2.11 0.59
C THR E 212 34.31 -0.60 0.69
N THR E 213 35.48 0.00 0.49
CA THR E 213 35.61 1.45 0.51
C THR E 213 35.62 1.90 -0.93
N LEU E 214 34.79 2.89 -1.22
CA LEU E 214 34.70 3.46 -2.56
C LEU E 214 35.05 4.94 -2.53
N LYS E 215 35.82 5.36 -3.53
CA LYS E 215 36.40 6.70 -3.58
C LYS E 215 36.24 7.21 -4.98
N GLY E 216 35.98 8.50 -5.11
CA GLY E 216 36.06 9.12 -6.43
C GLY E 216 34.85 9.95 -6.75
N SER E 217 34.48 9.92 -8.02
CA SER E 217 33.40 10.73 -8.53
C SER E 217 32.63 9.89 -9.53
N GLY E 218 31.32 9.76 -9.30
CA GLY E 218 30.46 8.99 -10.18
C GLY E 218 29.29 8.47 -9.41
N THR E 219 28.54 7.54 -10.00
CA THR E 219 27.36 6.99 -9.35
C THR E 219 27.61 5.58 -8.81
N VAL E 220 27.04 5.32 -7.64
CA VAL E 220 27.14 4.04 -6.98
C VAL E 220 25.72 3.48 -6.79
N TRP E 221 25.52 2.21 -7.09
CA TRP E 221 24.26 1.54 -6.83
C TRP E 221 24.47 0.46 -5.75
N LEU E 222 23.56 0.43 -4.78
CA LEU E 222 23.67 -0.41 -3.60
C LEU E 222 22.37 -1.15 -3.41
N GLN E 223 22.40 -2.27 -2.66
CA GLN E 223 21.23 -3.09 -2.41
C GLN E 223 21.15 -3.33 -0.92
N SER E 224 19.94 -3.36 -0.39
CA SER E 224 19.73 -3.50 1.04
C SER E 224 19.75 -4.95 1.48
N LEU E 225 19.42 -5.87 0.57
CA LEU E 225 19.44 -7.28 0.94
C LEU E 225 20.20 -8.11 -0.11
N PRO E 226 21.54 -8.04 -0.04
CA PRO E 226 22.31 -8.71 -1.04
C PRO E 226 22.06 -10.18 -0.89
N PHE E 227 22.13 -10.89 -2.00
CA PHE E 227 22.03 -12.33 -1.97
C PHE E 227 23.07 -12.97 -1.03
N SER E 228 24.26 -12.36 -0.92
CA SER E 228 25.31 -12.88 -0.06
C SER E 228 24.83 -12.98 1.39
N ARG E 229 24.12 -11.96 1.83
CA ARG E 229 23.51 -11.92 3.14
C ARG E 229 22.31 -12.86 3.28
N LEU E 230 21.36 -12.79 2.36
CA LEU E 230 20.21 -13.72 2.39
C LEU E 230 20.68 -15.20 2.47
N ALA E 231 21.48 -15.64 1.50
CA ALA E 231 21.92 -17.02 1.41
C ALA E 231 22.83 -17.40 2.59
N GLY E 232 23.75 -16.51 2.95
CA GLY E 232 24.56 -16.62 4.16
C GLY E 232 23.75 -16.91 5.41
N ARG E 233 22.75 -16.06 5.71
CA ARG E 233 21.96 -16.23 6.94
C ARG E 233 21.12 -17.49 6.93
N ILE E 234 20.53 -17.78 5.79
CA ILE E 234 19.76 -19.01 5.64
C ILE E 234 20.66 -20.21 5.83
N TYR E 235 21.87 -20.18 5.25
CA TYR E 235 22.85 -21.24 5.40
C TYR E 235 23.11 -21.51 6.87
N ASP E 236 23.46 -20.46 7.61
CA ASP E 236 23.72 -20.54 9.05
C ASP E 236 22.60 -21.24 9.78
N ALA E 237 21.36 -20.81 9.53
CA ALA E 237 20.20 -21.29 10.25
C ALA E 237 20.00 -22.79 10.06
N THR E 238 20.45 -23.31 8.93
CA THR E 238 20.17 -24.69 8.57
C THR E 238 21.43 -25.56 8.51
N PHE E 239 21.89 -25.95 9.72
CA PHE E 239 23.14 -26.71 10.00
C PHE E 239 24.38 -25.83 10.10
N HIS F 6 19.94 8.85 23.03
CA HIS F 6 20.09 9.90 21.98
C HIS F 6 18.80 10.08 21.18
N GLU F 7 18.65 11.23 20.52
CA GLU F 7 17.44 11.56 19.76
C GLU F 7 17.68 11.51 18.22
N LEU F 8 17.57 10.29 17.68
CA LEU F 8 17.92 9.98 16.28
C LEU F 8 16.97 10.48 15.19
N ASP F 9 17.55 11.06 14.15
CA ASP F 9 16.90 11.40 12.90
C ASP F 9 17.11 10.25 11.89
N TYR F 10 16.04 9.81 11.24
CA TYR F 10 16.08 8.63 10.38
C TYR F 10 15.31 8.81 9.09
N ARG F 11 15.45 7.84 8.19
CA ARG F 11 14.75 7.85 6.90
C ARG F 11 14.55 6.39 6.44
N ILE F 12 13.31 5.93 6.38
CA ILE F 12 12.98 4.62 5.83
C ILE F 12 13.02 4.66 4.28
N LEU F 13 13.88 3.84 3.70
CA LEU F 13 14.00 3.74 2.24
C LEU F 13 13.31 2.49 1.69
N GLY F 14 12.64 2.62 0.55
CA GLY F 14 11.95 1.50 -0.09
C GLY F 14 10.49 1.38 0.30
N GLU F 15 9.77 0.49 -0.37
CA GLU F 15 8.32 0.32 -0.15
C GLU F 15 7.99 -0.93 0.65
N SER F 16 8.20 -2.09 0.03
CA SER F 16 7.74 -3.36 0.58
C SER F 16 8.90 -4.11 1.18
N MSE F 17 10.08 -3.84 0.65
CA MSE F 17 11.32 -4.27 1.29
C MSE F 17 12.06 -3.00 1.62
O MSE F 17 12.10 -2.09 0.81
CB MSE F 17 12.16 -5.13 0.33
CG MSE F 17 11.33 -6.10 -0.49
SE MSE F 17 12.46 -7.39 -1.44
CE MSE F 17 13.20 -8.14 -0.14
N GLN F 18 12.64 -2.94 2.81
CA GLN F 18 13.12 -1.62 3.29
C GLN F 18 14.33 -1.55 4.19
N THR F 19 14.88 -0.35 4.22
CA THR F 19 16.15 -0.05 4.84
C THR F 19 16.09 1.31 5.54
N VAL F 20 16.53 1.34 6.79
CA VAL F 20 16.55 2.55 7.57
C VAL F 20 17.92 3.20 7.59
N GLU F 21 18.01 4.40 7.03
CA GLU F 21 19.22 5.18 7.12
C GLU F 21 19.15 6.02 8.38
N ILE F 22 20.04 5.76 9.33
CA ILE F 22 20.15 6.58 10.54
C ILE F 22 21.09 7.76 10.29
N GLU F 23 20.59 8.96 10.52
CA GLU F 23 21.43 10.15 10.45
C GLU F 23 22.02 10.40 11.82
N LEU F 24 23.35 10.43 11.88
CA LEU F 24 24.06 10.72 13.13
C LEU F 24 24.77 12.09 13.12
N ASP F 25 24.23 13.00 13.94
CA ASP F 25 24.87 14.28 14.21
C ASP F 25 26.14 13.98 15.02
N PRO F 26 27.18 14.84 14.89
CA PRO F 26 28.42 14.48 15.57
C PRO F 26 28.19 14.12 17.03
N GLY F 27 28.76 12.99 17.45
CA GLY F 27 28.66 12.52 18.83
C GLY F 27 27.58 11.48 19.06
N GLU F 28 26.65 11.38 18.12
CA GLU F 28 25.45 10.53 18.27
C GLU F 28 25.66 9.07 17.89
N THR F 29 24.93 8.19 18.58
CA THR F 29 25.20 6.77 18.58
C THR F 29 23.97 5.87 18.38
N VAL F 30 24.08 4.96 17.43
CA VAL F 30 23.02 3.97 17.19
C VAL F 30 23.55 2.56 17.46
N ILE F 31 22.72 1.71 18.04
CA ILE F 31 23.04 0.29 18.19
C ILE F 31 22.26 -0.63 17.26
N ALA F 32 22.87 -1.76 16.93
CA ALA F 32 22.31 -2.72 16.00
C ALA F 32 23.09 -4.01 16.13
N GLU F 33 22.41 -5.12 15.91
CA GLU F 33 23.12 -6.40 15.83
C GLU F 33 24.01 -6.37 14.61
N ALA F 34 25.07 -7.18 14.64
CA ALA F 34 26.09 -7.19 13.59
C ALA F 34 25.56 -7.78 12.29
N GLY F 35 26.05 -7.25 11.17
CA GLY F 35 25.67 -7.77 9.88
C GLY F 35 24.49 -7.03 9.26
N ALA F 36 23.77 -6.28 10.08
CA ALA F 36 22.67 -5.42 9.64
C ALA F 36 23.09 -4.19 8.79
N MSE F 37 24.28 -3.62 9.03
CA MSE F 37 24.79 -2.43 8.31
C MSE F 37 25.03 -2.61 6.81
O MSE F 37 25.67 -3.57 6.39
CB MSE F 37 26.06 -1.88 9.01
CG MSE F 37 26.60 -0.57 8.50
SE MSE F 37 27.85 -0.87 6.99
CE MSE F 37 29.32 -1.59 8.09
N ASN F 38 24.51 -1.68 5.99
CA ASN F 38 24.76 -1.68 4.56
C ASN F 38 25.83 -0.71 4.14
N TYR F 39 25.81 0.48 4.76
CA TYR F 39 26.74 1.54 4.41
C TYR F 39 26.88 2.61 5.50
N MSE F 40 28.01 3.31 5.43
CA MSE F 40 28.40 4.37 6.34
C MSE F 40 29.07 5.44 5.47
O MSE F 40 29.83 5.11 4.55
CB MSE F 40 29.45 3.90 7.35
CG MSE F 40 29.04 2.79 8.28
SE MSE F 40 30.50 2.05 9.44
CE MSE F 40 31.72 1.40 8.01
N THR F 41 28.77 6.70 5.75
CA THR F 41 29.39 7.85 5.08
C THR F 41 30.42 8.44 6.01
N GLY F 42 31.40 9.15 5.45
CA GLY F 42 32.31 10.00 6.23
C GLY F 42 33.15 9.28 7.24
N ASP F 43 33.04 9.63 8.52
CA ASP F 43 33.71 8.84 9.55
C ASP F 43 32.83 8.46 10.75
N ILE F 44 31.87 7.60 10.44
CA ILE F 44 31.19 6.76 11.42
C ILE F 44 32.21 5.74 11.88
N ARG F 45 32.15 5.40 13.17
CA ARG F 45 32.98 4.32 13.69
C ARG F 45 32.11 3.33 14.45
N PHE F 46 32.47 2.06 14.36
CA PHE F 46 31.77 1.01 15.06
C PHE F 46 32.76 0.24 15.90
N THR F 47 32.29 -0.36 17.00
CA THR F 47 33.22 -0.89 18.01
C THR F 47 32.72 -2.06 18.86
N ALA F 48 31.63 -2.71 18.45
CA ALA F 48 31.19 -3.98 19.06
C ALA F 48 31.16 -4.00 20.60
N ARG F 49 30.02 -3.60 21.18
CA ARG F 49 29.82 -3.52 22.63
C ARG F 49 30.76 -2.49 23.27
N MSE F 77 26.03 -7.28 19.36
CA MSE F 77 25.67 -5.85 19.36
C MSE F 77 26.84 -4.96 18.91
O MSE F 77 27.99 -5.15 19.34
CB MSE F 77 25.19 -5.43 20.75
CG MSE F 77 24.31 -4.19 20.77
SE MSE F 77 22.38 -4.54 21.00
CE MSE F 77 22.45 -5.91 22.48
N THR F 78 26.54 -4.02 18.03
CA THR F 78 27.53 -3.13 17.45
C THR F 78 27.02 -1.69 17.52
N HIS F 79 27.85 -0.82 18.09
CA HIS F 79 27.53 0.58 18.27
C HIS F 79 28.16 1.38 17.16
N PHE F 80 27.38 2.30 16.60
CA PHE F 80 27.85 3.12 15.50
C PHE F 80 27.77 4.57 15.96
N THR F 81 28.93 5.24 16.01
CA THR F 81 28.97 6.61 16.52
C THR F 81 29.66 7.53 15.51
N ASN F 82 29.21 8.79 15.47
CA ASN F 82 29.80 9.81 14.61
C ASN F 82 30.94 10.51 15.33
N GLU F 83 32.18 10.19 14.92
CA GLU F 83 33.40 10.76 15.52
C GLU F 83 33.93 11.95 14.70
N GLY F 84 33.21 12.31 13.64
CA GLY F 84 33.60 13.41 12.79
C GLY F 84 32.63 14.57 12.85
N GLN F 85 32.49 15.26 11.72
CA GLN F 85 31.81 16.53 11.67
C GLN F 85 30.68 16.54 10.64
N GLY F 86 29.58 17.20 11.01
CA GLY F 86 28.44 17.33 10.11
C GLY F 86 27.51 16.14 10.23
N LYS F 87 26.45 16.16 9.42
CA LYS F 87 25.57 15.03 9.32
C LYS F 87 26.31 13.87 8.62
N GLN F 88 26.31 12.72 9.28
CA GLN F 88 26.82 11.47 8.71
C GLN F 88 25.74 10.39 8.86
N HIS F 89 25.69 9.45 7.92
CA HIS F 89 24.63 8.44 7.85
C HIS F 89 25.15 6.99 7.91
N VAL F 90 24.45 6.12 8.64
CA VAL F 90 24.66 4.66 8.62
C VAL F 90 23.32 4.00 8.28
N ALA F 91 23.31 3.07 7.34
CA ALA F 91 22.08 2.36 7.00
C ALA F 91 22.08 0.89 7.44
N PHE F 92 20.90 0.40 7.82
CA PHE F 92 20.71 -0.97 8.30
C PHE F 92 19.54 -1.67 7.60
N ALA F 93 19.68 -2.98 7.39
CA ALA F 93 18.57 -3.84 6.93
C ALA F 93 18.60 -5.20 7.63
N ALA F 94 17.41 -5.79 7.80
CA ALA F 94 17.27 -7.19 8.18
C ALA F 94 17.75 -8.16 7.09
N PRO F 95 18.11 -9.39 7.48
CA PRO F 95 18.67 -10.44 6.61
C PRO F 95 17.61 -11.24 5.86
N TYR F 96 16.36 -10.79 5.85
CA TYR F 96 15.31 -11.44 5.04
C TYR F 96 14.30 -10.39 4.53
N PRO F 97 13.55 -10.72 3.46
CA PRO F 97 12.60 -9.73 2.87
C PRO F 97 11.40 -9.35 3.80
N GLY F 98 11.02 -8.09 3.77
CA GLY F 98 9.92 -7.57 4.55
C GLY F 98 10.00 -6.07 4.82
N SER F 99 9.36 -5.63 5.90
CA SER F 99 9.25 -4.21 6.20
C SER F 99 9.86 -3.83 7.54
N VAL F 100 10.27 -2.56 7.62
CA VAL F 100 10.85 -2.00 8.83
C VAL F 100 9.83 -1.06 9.43
N VAL F 101 9.61 -1.18 10.73
CA VAL F 101 8.75 -0.24 11.42
C VAL F 101 9.46 0.50 12.57
N ALA F 102 9.35 1.82 12.54
CA ALA F 102 9.81 2.71 13.62
C ALA F 102 8.78 2.77 14.72
N VAL F 103 9.21 2.50 15.95
CA VAL F 103 8.34 2.64 17.12
C VAL F 103 9.03 3.57 18.13
N ASP F 104 8.47 4.77 18.30
CA ASP F 104 8.87 5.65 19.42
C ASP F 104 8.43 5.06 20.76
N LEU F 105 9.39 4.79 21.64
CA LEU F 105 9.07 4.20 22.95
C LEU F 105 8.21 5.12 23.84
N ASP F 106 8.20 6.42 23.56
CA ASP F 106 7.39 7.36 24.37
C ASP F 106 5.88 7.13 24.16
N ASP F 107 5.44 7.32 22.91
CA ASP F 107 4.09 6.97 22.46
C ASP F 107 3.72 5.50 22.75
N VAL F 108 4.56 4.80 23.51
CA VAL F 108 4.35 3.39 23.85
C VAL F 108 4.56 3.12 25.35
N GLY F 109 4.86 4.17 26.11
CA GLY F 109 5.08 4.04 27.54
C GLY F 109 6.44 3.49 27.89
N GLY F 110 7.35 3.52 26.92
CA GLY F 110 8.76 3.20 27.15
C GLY F 110 9.11 1.72 27.20
N ARG F 111 8.28 0.90 26.59
CA ARG F 111 8.44 -0.54 26.67
C ARG F 111 7.84 -1.20 25.45
N LEU F 112 8.58 -2.15 24.88
CA LEU F 112 8.08 -2.95 23.77
C LEU F 112 8.69 -4.32 23.88
N PHE F 113 7.85 -5.34 23.76
CA PHE F 113 8.34 -6.70 23.62
C PHE F 113 8.45 -7.02 22.14
N CYS F 114 9.57 -7.60 21.73
CA CYS F 114 9.76 -7.99 20.35
C CYS F 114 10.59 -9.25 20.24
N GLN F 115 10.25 -10.09 19.26
CA GLN F 115 11.03 -11.30 19.02
C GLN F 115 12.46 -10.90 18.62
N LYS F 116 13.42 -11.77 18.89
CA LYS F 116 14.84 -11.42 18.69
C LYS F 116 15.20 -11.19 17.22
N ASP F 117 14.82 -12.13 16.36
CA ASP F 117 15.09 -12.00 14.94
C ASP F 117 14.50 -10.72 14.37
N SER F 118 13.61 -10.07 15.11
CA SER F 118 12.92 -8.90 14.56
C SER F 118 13.61 -7.58 14.80
N PHE F 119 14.50 -7.53 15.78
CA PHE F 119 15.11 -6.28 16.19
C PHE F 119 16.18 -5.87 15.20
N LEU F 120 16.05 -4.67 14.63
CA LEU F 120 17.01 -4.17 13.66
C LEU F 120 18.03 -3.23 14.30
N CYS F 121 17.56 -2.08 14.80
CA CYS F 121 18.44 -1.12 15.46
C CYS F 121 17.70 -0.20 16.44
N ALA F 122 18.45 0.49 17.29
CA ALA F 122 17.89 1.31 18.36
C ALA F 122 18.78 2.48 18.76
N ALA F 123 18.15 3.55 19.27
CA ALA F 123 18.85 4.70 19.85
C ALA F 123 19.68 4.29 21.07
N TYR F 124 20.93 4.75 21.15
CA TYR F 124 21.76 4.49 22.36
C TYR F 124 21.09 5.03 23.63
N GLY F 125 21.00 4.17 24.64
CA GLY F 125 20.18 4.43 25.82
C GLY F 125 19.08 3.38 25.97
N THR F 126 18.70 2.74 24.85
CA THR F 126 17.72 1.67 24.87
C THR F 126 18.28 0.57 25.74
N ARG F 127 17.44 0.03 26.64
CA ARG F 127 17.79 -1.15 27.42
C ARG F 127 17.26 -2.41 26.72
N VAL F 128 18.16 -3.17 26.12
CA VAL F 128 17.80 -4.39 25.39
C VAL F 128 18.14 -5.63 26.21
N GLY F 129 17.12 -6.26 26.79
CA GLY F 129 17.29 -7.52 27.51
C GLY F 129 16.22 -8.56 27.20
N ILE F 130 16.53 -9.82 27.52
CA ILE F 130 15.58 -10.93 27.38
C ILE F 130 14.43 -10.77 28.39
N ALA F 131 13.29 -11.40 28.09
CA ALA F 131 12.11 -11.32 28.96
C ALA F 131 11.48 -12.69 29.20
N PHE F 146 11.69 -19.21 19.23
CA PHE F 146 11.07 -17.99 19.74
C PHE F 146 11.60 -17.58 21.12
N ILE F 147 12.28 -16.44 21.16
CA ILE F 147 12.77 -15.82 22.40
C ILE F 147 12.26 -14.38 22.45
N LEU F 148 11.44 -14.07 23.46
CA LEU F 148 10.93 -12.71 23.57
C LEU F 148 11.90 -11.84 24.33
N GLN F 149 12.17 -10.65 23.80
CA GLN F 149 13.05 -9.70 24.46
C GLN F 149 12.37 -8.34 24.62
N LYS F 150 12.85 -7.56 25.59
CA LYS F 150 12.20 -6.31 25.98
C LYS F 150 13.09 -5.10 25.75
N LEU F 151 12.47 -4.01 25.34
CA LEU F 151 13.17 -2.80 24.93
C LEU F 151 12.70 -1.61 25.76
N GLU F 152 13.49 -1.31 26.80
CA GLU F 152 13.16 -0.28 27.78
C GLU F 152 13.91 1.02 27.47
N GLY F 153 13.17 2.12 27.39
CA GLY F 153 13.79 3.42 27.15
C GLY F 153 12.83 4.51 26.71
N ASP F 154 13.41 5.58 26.16
CA ASP F 154 12.64 6.72 25.66
C ASP F 154 13.03 7.12 24.24
N GLY F 155 13.86 6.29 23.59
CA GLY F 155 14.29 6.56 22.21
C GLY F 155 13.54 5.79 21.14
N LEU F 156 14.02 5.92 19.90
CA LEU F 156 13.50 5.14 18.77
C LEU F 156 14.11 3.73 18.68
N VAL F 157 13.25 2.73 18.51
CA VAL F 157 13.68 1.39 18.08
C VAL F 157 13.12 1.09 16.69
N PHE F 158 13.75 0.14 16.00
CA PHE F 158 13.32 -0.25 14.67
C PHE F 158 13.21 -1.75 14.65
N VAL F 159 12.01 -2.20 14.28
CA VAL F 159 11.75 -3.60 14.15
C VAL F 159 11.39 -3.93 12.71
N HIS F 160 11.68 -5.16 12.34
CA HIS F 160 11.49 -5.63 10.97
C HIS F 160 10.39 -6.70 10.96
N ALA F 161 9.50 -6.62 9.99
CA ALA F 161 8.53 -7.70 9.80
C ALA F 161 8.80 -8.49 8.52
N GLY F 162 9.05 -9.79 8.67
CA GLY F 162 9.14 -10.66 7.50
C GLY F 162 7.87 -10.73 6.69
N GLY F 163 7.97 -10.56 5.39
CA GLY F 163 6.81 -10.66 4.50
C GLY F 163 5.81 -9.52 4.59
N THR F 164 4.55 -9.81 4.94
CA THR F 164 3.59 -8.75 5.25
C THR F 164 3.80 -8.29 6.71
N LEU F 165 3.86 -6.97 6.89
CA LEU F 165 3.72 -6.34 8.20
C LEU F 165 2.23 -6.29 8.53
N ILE F 166 1.82 -6.96 9.59
CA ILE F 166 0.41 -6.89 9.98
C ILE F 166 0.30 -6.28 11.38
N ARG F 167 -0.33 -5.12 11.46
CA ARG F 167 -0.50 -4.48 12.74
C ARG F 167 -1.97 -4.54 13.19
N ARG F 168 -2.20 -4.95 14.44
CA ARG F 168 -3.54 -4.95 15.03
C ARG F 168 -3.58 -4.29 16.43
N GLN F 169 -4.67 -3.59 16.75
CA GLN F 169 -4.90 -3.18 18.15
C GLN F 169 -5.95 -4.05 18.82
N LEU F 170 -5.55 -4.75 19.88
CA LEU F 170 -6.49 -5.53 20.68
C LEU F 170 -7.31 -4.62 21.63
N ASN F 171 -8.63 -4.79 21.62
CA ASN F 171 -9.52 -4.11 22.59
C ASN F 171 -10.26 -5.15 23.45
N GLY F 172 -9.56 -5.76 24.41
CA GLY F 172 -10.13 -6.82 25.25
C GLY F 172 -10.34 -8.16 24.55
N GLU F 173 -10.62 -8.10 23.24
CA GLU F 173 -10.82 -9.27 22.37
C GLU F 173 -9.59 -10.17 22.15
N THR F 174 -9.83 -11.41 21.70
CA THR F 174 -8.81 -12.47 21.60
C THR F 174 -8.31 -12.77 20.16
N LEU F 175 -7.05 -13.22 20.08
CA LEU F 175 -6.39 -13.51 18.80
C LEU F 175 -5.26 -14.51 19.04
N ARG F 176 -5.32 -15.63 18.34
CA ARG F 176 -4.26 -16.62 18.42
C ARG F 176 -3.40 -16.51 17.16
N VAL F 177 -2.12 -16.81 17.31
CA VAL F 177 -1.16 -16.54 16.26
C VAL F 177 -0.13 -17.64 16.25
N ASP F 178 0.34 -17.98 15.05
CA ASP F 178 1.49 -18.85 14.94
C ASP F 178 2.65 -18.10 15.60
N THR F 179 3.33 -18.72 16.56
CA THR F 179 4.22 -17.92 17.43
C THR F 179 5.35 -17.17 16.63
N GLY F 180 5.96 -17.88 15.68
CA GLY F 180 6.91 -17.27 14.75
C GLY F 180 6.46 -15.97 14.11
N CYS F 181 5.14 -15.76 14.06
CA CYS F 181 4.58 -14.59 13.35
C CYS F 181 4.47 -13.34 14.22
N LEU F 182 4.71 -13.50 15.51
CA LEU F 182 4.69 -12.40 16.45
C LEU F 182 5.94 -11.55 16.32
N VAL F 183 5.79 -10.30 15.93
CA VAL F 183 6.96 -9.40 15.80
C VAL F 183 7.20 -8.59 17.08
N ALA F 184 6.18 -7.87 17.53
CA ALA F 184 6.24 -6.99 18.69
C ALA F 184 4.83 -6.75 19.21
N PHE F 185 4.74 -6.30 20.47
CA PHE F 185 3.47 -5.84 21.09
C PHE F 185 3.73 -4.91 22.29
N THR F 186 2.82 -3.97 22.50
CA THR F 186 2.85 -2.96 23.59
C THR F 186 2.43 -3.56 24.93
N ASP F 187 2.91 -2.98 26.03
CA ASP F 187 2.48 -3.33 27.42
C ASP F 187 0.97 -3.49 27.53
N GLY F 188 0.53 -4.47 28.32
CA GLY F 188 -0.90 -4.68 28.55
C GLY F 188 -1.54 -5.57 27.50
N ILE F 189 -0.78 -6.59 27.08
CA ILE F 189 -1.28 -7.69 26.29
C ILE F 189 -0.71 -8.94 26.96
N ASP F 190 -1.60 -9.87 27.31
CA ASP F 190 -1.18 -11.10 27.97
C ASP F 190 -0.96 -12.17 26.91
N TYR F 191 -0.09 -13.12 27.19
CA TYR F 191 0.27 -14.12 26.20
C TYR F 191 0.60 -15.49 26.78
N ASP F 192 0.27 -16.53 26.02
CA ASP F 192 0.70 -17.89 26.36
C ASP F 192 1.03 -18.76 25.15
N VAL F 193 2.14 -19.48 25.25
CA VAL F 193 2.59 -20.38 24.20
C VAL F 193 2.46 -21.84 24.67
N GLN F 194 1.86 -22.67 23.82
CA GLN F 194 1.77 -24.12 24.06
C GLN F 194 1.51 -24.89 22.75
N LEU F 195 1.65 -26.23 22.81
CA LEU F 195 1.19 -27.14 21.76
C LEU F 195 -0.29 -26.94 21.41
N ALA F 196 -0.62 -27.14 20.14
CA ALA F 196 -2.00 -27.10 19.66
C ALA F 196 -2.53 -28.51 19.45
N LEU F 209 3.43 -27.60 15.81
CA LEU F 209 3.36 -26.16 15.56
C LEU F 209 2.83 -25.39 16.79
N LEU F 210 3.64 -24.44 17.27
CA LEU F 210 3.34 -23.65 18.48
C LEU F 210 2.34 -22.55 18.23
N LEU F 211 1.42 -22.36 19.18
CA LEU F 211 0.38 -21.34 19.06
C LEU F 211 0.46 -20.36 20.21
N THR F 212 0.40 -19.08 19.90
CA THR F 212 0.41 -18.03 20.92
C THR F 212 -0.94 -17.37 20.98
N THR F 213 -1.52 -17.38 22.17
CA THR F 213 -2.80 -16.73 22.42
C THR F 213 -2.51 -15.38 23.03
N LEU F 214 -3.20 -14.35 22.53
CA LEU F 214 -2.99 -12.97 22.96
C LEU F 214 -4.32 -12.33 23.30
N LYS F 215 -4.40 -11.75 24.50
CA LYS F 215 -5.60 -11.07 24.98
C LYS F 215 -5.21 -9.95 25.96
N GLY F 216 -5.94 -8.85 25.86
CA GLY F 216 -5.59 -7.63 26.57
C GLY F 216 -6.01 -6.48 25.68
N SER F 217 -5.37 -5.33 25.85
CA SER F 217 -5.63 -4.19 24.98
C SER F 217 -4.33 -3.53 24.56
N GLY F 218 -4.38 -2.77 23.46
CA GLY F 218 -3.16 -2.18 22.86
C GLY F 218 -2.77 -2.76 21.51
N THR F 219 -1.48 -2.71 21.17
CA THR F 219 -1.03 -2.95 19.78
C THR F 219 -0.16 -4.21 19.58
N VAL F 220 -0.46 -4.95 18.51
CA VAL F 220 0.26 -6.18 18.14
C VAL F 220 0.81 -6.05 16.72
N TRP F 221 2.10 -6.35 16.58
CA TRP F 221 2.76 -6.28 15.26
C TRP F 221 3.05 -7.71 14.80
N LEU F 222 2.50 -8.08 13.65
CA LEU F 222 2.71 -9.41 13.06
C LEU F 222 3.42 -9.38 11.72
N GLN F 223 4.03 -10.51 11.39
CA GLN F 223 4.69 -10.72 10.09
C GLN F 223 4.15 -11.99 9.44
N SER F 224 3.96 -11.98 8.14
CA SER F 224 3.42 -13.15 7.47
C SER F 224 4.49 -14.18 7.18
N LEU F 225 5.76 -13.75 7.22
CA LEU F 225 6.86 -14.62 6.82
C LEU F 225 8.05 -14.50 7.76
N PRO F 226 8.00 -15.25 8.88
CA PRO F 226 9.12 -15.29 9.79
C PRO F 226 10.33 -15.90 9.08
N PHE F 227 11.52 -15.40 9.40
CA PHE F 227 12.77 -15.96 8.91
C PHE F 227 12.85 -17.47 9.09
N SER F 228 12.37 -17.94 10.24
CA SER F 228 12.46 -19.36 10.57
C SER F 228 11.60 -20.22 9.65
N ARG F 229 10.51 -19.66 9.16
CA ARG F 229 9.66 -20.37 8.19
C ARG F 229 10.31 -20.45 6.80
N LEU F 230 10.84 -19.32 6.33
CA LEU F 230 11.62 -19.23 5.10
C LEU F 230 12.81 -20.21 5.09
N ALA F 231 13.67 -20.09 6.10
CA ALA F 231 14.88 -20.90 6.19
C ALA F 231 14.54 -22.39 6.18
N GLY F 232 13.52 -22.77 6.95
CA GLY F 232 13.14 -24.17 7.12
C GLY F 232 12.64 -24.74 5.84
N ARG F 233 11.83 -23.98 5.12
CA ARG F 233 11.37 -24.47 3.82
C ARG F 233 12.46 -24.42 2.76
N ILE F 234 13.38 -23.46 2.81
CA ILE F 234 14.47 -23.50 1.81
C ILE F 234 15.21 -24.85 1.99
N TYR F 235 15.55 -25.14 3.24
CA TYR F 235 16.20 -26.40 3.58
C TYR F 235 15.41 -27.61 3.05
N ASP F 236 14.14 -27.74 3.46
CA ASP F 236 13.33 -28.86 2.99
C ASP F 236 13.39 -29.01 1.47
N ALA F 237 13.39 -27.89 0.76
CA ALA F 237 13.35 -27.88 -0.69
C ALA F 237 14.58 -28.51 -1.34
N THR F 238 15.70 -28.49 -0.62
CA THR F 238 16.97 -28.94 -1.18
C THR F 238 17.17 -30.44 -0.97
N PHE F 239 16.08 -31.13 -0.59
CA PHE F 239 16.12 -32.52 -0.12
C PHE F 239 16.78 -33.50 -1.07
N ARG F 240 16.32 -33.48 -2.33
CA ARG F 240 16.84 -34.36 -3.35
C ARG F 240 18.36 -34.20 -3.47
N ALA F 241 18.82 -32.97 -3.67
CA ALA F 241 20.23 -32.70 -3.96
C ALA F 241 21.17 -33.10 -2.81
N ARG F 242 20.72 -32.90 -1.56
CA ARG F 242 21.56 -33.25 -0.42
C ARG F 242 21.44 -34.75 -0.08
N GLU F 243 20.29 -35.34 -0.41
CA GLU F 243 20.10 -36.80 -0.34
C GLU F 243 20.84 -37.49 -1.50
N GLU F 244 21.81 -36.77 -2.08
CA GLU F 244 22.71 -37.27 -3.12
C GLU F 244 21.96 -37.66 -4.38
#